data_1M8W
#
_entry.id   1M8W
#
_cell.length_a   262.730
_cell.length_b   37.730
_cell.length_c   82.520
_cell.angle_alpha   90.00
_cell.angle_beta   102.95
_cell.angle_gamma   90.00
#
_symmetry.space_group_name_H-M   'C 1 2 1'
#
loop_
_entity.id
_entity.type
_entity.pdbx_description
1 polymer "5'-R(P*UP*UP*GP*UP*AP*UP*AP*U)-3'"
2 polymer "5'-R(P*UP*GP*UP*AP*UP*AP*U)-3'"
3 polymer "5'-R(P*UP*UP*GP*UP*CP*CP*AP*G)-3'"
4 polymer "5'-R(P*UP*GP*UP*CP*CP*AP*G)-3'"
5 polymer 'Pumilio 1'
6 water water
#
loop_
_entity_poly.entity_id
_entity_poly.type
_entity_poly.pdbx_seq_one_letter_code
_entity_poly.pdbx_strand_id
1 'polyribonucleotide' UUGUAUAU C
2 'polyribonucleotide' UGUAUAU D
3 'polyribonucleotide' UUGUCCAG E
4 'polyribonucleotide' UGUCCAG F
5 'polypeptide(L)'
;GRSRLLEDFRNNRYPNLQLREIAGHIMEFSQDQHGSRFIQLKLERATPAERQLVFNEILQAAYQLMVDVFGNYVIQKFFE
FGSLEQKLALAERIRGHVLSLALQMYGCRVIQKALEFIPSDQQNEMVRELDGHVLKCVKDQNGNHVVQKCIECVQPQSLQ
FIIDAFKGQVFALSTHPYGCRVIQRILEHCLPDQTLPILEELHQHTEQLVQDQYGNYVIQHVLEHGRPEDKSKIVAEIRG
NVLVLSQHKFASNVVEKCVTHASRTERAVLIDEVCTMNDGPHSALYTMMKDQYANYVVQKMIDVAEPGQRKIVMHKIRPH
IATLRKYTYGKHILAKLEKYYMKNGVDLG
;
A,B
#
loop_
_chem_comp.id
_chem_comp.type
_chem_comp.name
_chem_comp.formula
A RNA linking ADENOSINE-5'-MONOPHOSPHATE 'C10 H14 N5 O7 P'
C RNA linking CYTIDINE-5'-MONOPHOSPHATE 'C9 H14 N3 O8 P'
G RNA linking GUANOSINE-5'-MONOPHOSPHATE 'C10 H14 N5 O8 P'
U RNA linking URIDINE-5'-MONOPHOSPHATE 'C9 H13 N2 O9 P'
#
# COMPACT_ATOMS: atom_id res chain seq x y z
N GLY E 1 10.84 -14.92 0.82
CA GLY E 1 9.89 -15.02 -0.33
C GLY E 1 10.45 -15.84 -1.48
N ARG E 2 11.72 -15.65 -1.79
CA ARG E 2 12.36 -16.37 -2.88
C ARG E 2 12.69 -17.79 -2.50
N SER E 3 12.54 -18.71 -3.45
CA SER E 3 12.83 -20.11 -3.20
C SER E 3 14.35 -20.28 -3.24
N ARG E 4 14.82 -21.43 -2.76
CA ARG E 4 16.25 -21.72 -2.76
C ARG E 4 16.80 -21.59 -4.19
N LEU E 5 16.14 -22.27 -5.12
CA LEU E 5 16.56 -22.23 -6.52
C LEU E 5 16.75 -20.80 -7.04
N LEU E 6 15.70 -19.98 -6.98
CA LEU E 6 15.81 -18.60 -7.45
C LEU E 6 16.91 -17.90 -6.67
N GLU E 7 16.93 -18.13 -5.35
CA GLU E 7 17.92 -17.53 -4.48
C GLU E 7 19.33 -17.83 -5.01
N ASP E 8 19.62 -19.10 -5.24
CA ASP E 8 20.91 -19.53 -5.76
C ASP E 8 21.17 -18.97 -7.16
N PHE E 9 20.11 -18.86 -7.97
CA PHE E 9 20.26 -18.33 -9.32
C PHE E 9 20.75 -16.89 -9.29
N ARG E 10 20.16 -16.08 -8.42
CA ARG E 10 20.56 -14.69 -8.29
C ARG E 10 21.97 -14.57 -7.72
N ASN E 11 22.40 -15.60 -6.99
CA ASN E 11 23.75 -15.62 -6.41
C ASN E 11 24.76 -16.21 -7.38
N ASN E 12 24.30 -16.51 -8.60
CA ASN E 12 25.14 -17.05 -9.66
C ASN E 12 25.58 -18.51 -9.54
N ARG E 13 24.96 -19.25 -8.63
CA ARG E 13 25.33 -20.66 -8.47
C ARG E 13 25.04 -21.48 -9.72
N TYR E 14 24.18 -20.96 -10.59
CA TYR E 14 23.81 -21.66 -11.82
C TYR E 14 24.13 -20.86 -13.07
N PRO E 15 25.40 -20.85 -13.49
CA PRO E 15 25.81 -20.11 -14.69
C PRO E 15 25.24 -20.77 -15.95
N ASN E 16 25.06 -22.08 -15.89
CA ASN E 16 24.54 -22.83 -17.03
C ASN E 16 23.13 -23.33 -16.75
N LEU E 17 22.24 -22.44 -16.31
CA LEU E 17 20.87 -22.82 -16.00
C LEU E 17 20.01 -22.85 -17.26
N GLN E 18 19.30 -23.95 -17.46
CA GLN E 18 18.41 -24.12 -18.61
C GLN E 18 16.94 -24.03 -18.19
N LEU E 19 16.06 -23.80 -19.16
CA LEU E 19 14.64 -23.70 -18.89
C LEU E 19 14.05 -24.89 -18.13
N ARG E 20 14.36 -26.10 -18.59
CA ARG E 20 13.83 -27.30 -17.95
C ARG E 20 14.23 -27.41 -16.48
N GLU E 21 15.32 -26.76 -16.09
CA GLU E 21 15.78 -26.82 -14.72
C GLU E 21 15.01 -25.94 -13.73
N ILE E 22 14.18 -25.01 -14.21
CA ILE E 22 13.41 -24.19 -13.28
C ILE E 22 11.94 -24.60 -13.27
N ALA E 23 11.68 -25.83 -13.71
CA ALA E 23 10.32 -26.37 -13.72
C ALA E 23 9.76 -26.20 -12.31
N GLY E 24 8.47 -25.88 -12.22
CA GLY E 24 7.87 -25.70 -10.91
C GLY E 24 8.16 -24.33 -10.35
N HIS E 25 9.07 -23.59 -10.98
CA HIS E 25 9.45 -22.25 -10.54
C HIS E 25 9.21 -21.15 -11.57
N ILE E 26 8.41 -21.40 -12.60
CA ILE E 26 8.21 -20.38 -13.62
C ILE E 26 7.58 -19.07 -13.15
N MET E 27 6.49 -19.16 -12.38
CA MET E 27 5.84 -17.96 -11.89
C MET E 27 6.79 -17.09 -11.06
N GLU E 28 7.54 -17.74 -10.18
CA GLU E 28 8.50 -17.08 -9.31
C GLU E 28 9.58 -16.33 -10.11
N PHE E 29 10.22 -17.04 -11.04
CA PHE E 29 11.26 -16.45 -11.89
C PHE E 29 10.69 -15.29 -12.71
N SER E 30 9.46 -15.44 -13.18
CA SER E 30 8.84 -14.40 -14.00
C SER E 30 8.61 -13.07 -13.26
N GLN E 31 8.41 -13.13 -11.95
CA GLN E 31 8.18 -11.92 -11.16
C GLN E 31 9.47 -11.41 -10.52
N ASP E 32 10.60 -11.93 -11.02
CA ASP E 32 11.91 -11.55 -10.52
C ASP E 32 12.69 -10.85 -11.62
N GLN E 33 13.34 -9.76 -11.26
CA GLN E 33 14.15 -8.96 -12.16
C GLN E 33 14.96 -9.80 -13.15
N HIS E 34 15.93 -10.57 -12.64
CA HIS E 34 16.78 -11.40 -13.51
C HIS E 34 16.10 -12.66 -14.03
N GLY E 35 15.25 -13.26 -13.22
CA GLY E 35 14.55 -14.46 -13.64
C GLY E 35 13.73 -14.20 -14.89
N SER E 36 13.06 -13.06 -14.93
CA SER E 36 12.23 -12.68 -16.08
C SER E 36 13.08 -12.61 -17.32
N ARG E 37 14.18 -11.85 -17.24
CA ARG E 37 15.08 -11.72 -18.38
C ARG E 37 15.62 -13.10 -18.75
N PHE E 38 15.88 -13.91 -17.74
CA PHE E 38 16.39 -15.26 -18.00
C PHE E 38 15.40 -16.02 -18.86
N ILE E 39 14.10 -15.88 -18.56
CA ILE E 39 13.07 -16.57 -19.31
C ILE E 39 12.89 -15.96 -20.71
N GLN E 40 12.87 -14.62 -20.76
CA GLN E 40 12.69 -13.91 -22.04
C GLN E 40 13.72 -14.27 -23.10
N LEU E 41 14.95 -14.57 -22.69
CA LEU E 41 15.99 -14.92 -23.65
C LEU E 41 15.93 -16.37 -24.06
N LYS E 42 15.42 -17.22 -23.17
CA LYS E 42 15.30 -18.64 -23.46
C LYS E 42 14.11 -18.90 -24.39
N LEU E 43 13.09 -18.05 -24.30
CA LEU E 43 11.87 -18.19 -25.09
C LEU E 43 11.97 -17.96 -26.60
N GLU E 44 13.00 -17.23 -27.05
CA GLU E 44 13.18 -16.95 -28.47
C GLU E 44 13.86 -18.07 -29.24
N ARG E 45 14.69 -18.86 -28.56
CA ARG E 45 15.39 -19.97 -29.22
C ARG E 45 15.10 -21.30 -28.53
N ALA E 46 13.93 -21.43 -27.94
CA ALA E 46 13.55 -22.67 -27.25
C ALA E 46 12.62 -23.52 -28.10
N THR E 47 12.75 -24.83 -27.97
CA THR E 47 11.91 -25.75 -28.72
C THR E 47 10.47 -25.51 -28.30
N PRO E 48 9.51 -25.64 -29.23
CA PRO E 48 8.11 -25.42 -28.85
C PRO E 48 7.74 -26.30 -27.64
N ALA E 49 8.56 -27.29 -27.35
CA ALA E 49 8.33 -28.18 -26.22
C ALA E 49 8.69 -27.47 -24.93
N GLU E 50 9.84 -26.78 -24.92
CA GLU E 50 10.29 -26.05 -23.74
C GLU E 50 9.35 -24.88 -23.48
N ARG E 51 8.85 -24.31 -24.57
CA ARG E 51 7.95 -23.17 -24.48
C ARG E 51 6.62 -23.57 -23.85
N GLN E 52 6.16 -24.78 -24.14
CA GLN E 52 4.91 -25.27 -23.59
C GLN E 52 5.08 -25.51 -22.08
N LEU E 53 6.25 -26.04 -21.71
CA LEU E 53 6.54 -26.31 -20.30
C LEU E 53 6.41 -25.00 -19.55
N VAL E 54 6.94 -23.94 -20.14
CA VAL E 54 6.86 -22.64 -19.50
C VAL E 54 5.41 -22.17 -19.54
N PHE E 55 4.75 -22.36 -20.67
CA PHE E 55 3.36 -21.92 -20.78
C PHE E 55 2.48 -22.57 -19.71
N ASN E 56 2.63 -23.88 -19.50
CA ASN E 56 1.83 -24.62 -18.52
C ASN E 56 1.76 -23.99 -17.14
N GLU E 57 2.85 -23.36 -16.71
CA GLU E 57 2.89 -22.78 -15.38
C GLU E 57 2.44 -21.34 -15.28
N ILE E 58 2.28 -20.64 -16.40
CA ILE E 58 1.85 -19.26 -16.33
C ILE E 58 0.43 -19.01 -16.82
N LEU E 59 -0.17 -19.99 -17.50
CA LEU E 59 -1.52 -19.81 -18.02
C LEU E 59 -2.57 -19.39 -16.99
N GLN E 60 -2.68 -20.14 -15.91
CA GLN E 60 -3.67 -19.88 -14.88
C GLN E 60 -3.56 -18.50 -14.23
N ALA E 61 -2.34 -18.14 -13.84
CA ALA E 61 -2.10 -16.87 -13.21
C ALA E 61 -1.56 -15.86 -14.22
N ALA E 62 -1.89 -16.03 -15.50
CA ALA E 62 -1.39 -15.14 -16.53
C ALA E 62 -1.63 -13.66 -16.22
N TYR E 63 -2.84 -13.34 -15.75
CA TYR E 63 -3.19 -11.95 -15.44
C TYR E 63 -2.23 -11.33 -14.42
N GLN E 64 -1.89 -12.10 -13.39
CA GLN E 64 -1.00 -11.66 -12.32
C GLN E 64 0.36 -11.23 -12.89
N LEU E 65 0.80 -11.92 -13.94
CA LEU E 65 2.06 -11.61 -14.59
C LEU E 65 1.90 -10.41 -15.54
N MET E 66 0.68 -10.21 -16.05
CA MET E 66 0.38 -9.11 -16.98
C MET E 66 0.49 -7.73 -16.30
N VAL E 67 0.12 -7.67 -15.01
CA VAL E 67 0.20 -6.41 -14.27
C VAL E 67 1.43 -6.41 -13.39
N ASP E 68 2.39 -7.28 -13.69
CA ASP E 68 3.62 -7.35 -12.90
C ASP E 68 4.73 -6.56 -13.57
N VAL E 69 5.51 -5.84 -12.78
CA VAL E 69 6.59 -5.02 -13.32
C VAL E 69 7.56 -5.82 -14.20
N PHE E 70 7.88 -7.05 -13.82
CA PHE E 70 8.80 -7.85 -14.63
C PHE E 70 8.07 -8.93 -15.43
N GLY E 71 6.99 -9.46 -14.86
CA GLY E 71 6.21 -10.50 -15.52
C GLY E 71 5.48 -10.14 -16.80
N ASN E 72 5.13 -8.87 -16.99
CA ASN E 72 4.42 -8.47 -18.21
C ASN E 72 5.24 -8.78 -19.44
N TYR E 73 6.56 -8.84 -19.29
CA TYR E 73 7.43 -9.14 -20.43
C TYR E 73 7.37 -10.60 -20.88
N VAL E 74 7.12 -11.52 -19.96
CA VAL E 74 7.04 -12.93 -20.34
C VAL E 74 5.79 -13.15 -21.18
N ILE E 75 4.67 -12.59 -20.73
CA ILE E 75 3.40 -12.70 -21.46
C ILE E 75 3.57 -12.11 -22.87
N GLN E 76 4.20 -10.92 -22.95
CA GLN E 76 4.39 -10.30 -24.26
C GLN E 76 5.15 -11.23 -25.21
N LYS E 77 6.17 -11.90 -24.70
CA LYS E 77 6.96 -12.81 -25.54
C LYS E 77 6.11 -13.96 -26.09
N PHE E 78 5.10 -14.40 -25.35
CA PHE E 78 4.28 -15.48 -25.86
C PHE E 78 3.35 -14.98 -26.96
N PHE E 79 2.87 -13.74 -26.83
CA PHE E 79 2.00 -13.18 -27.86
C PHE E 79 2.78 -13.00 -29.16
N GLU E 80 4.10 -12.84 -29.05
CA GLU E 80 4.96 -12.65 -30.22
C GLU E 80 5.58 -13.92 -30.81
N PHE E 81 6.12 -14.77 -29.96
CA PHE E 81 6.79 -15.99 -30.43
C PHE E 81 6.10 -17.32 -30.06
N GLY E 82 5.09 -17.25 -29.20
CA GLY E 82 4.38 -18.46 -28.80
C GLY E 82 3.56 -19.05 -29.92
N SER E 83 2.83 -20.12 -29.64
CA SER E 83 1.99 -20.76 -30.67
C SER E 83 0.64 -20.07 -30.73
N LEU E 84 -0.06 -20.28 -31.84
CA LEU E 84 -1.37 -19.72 -32.05
C LEU E 84 -2.32 -20.14 -30.92
N GLU E 85 -2.21 -21.39 -30.49
CA GLU E 85 -3.06 -21.92 -29.41
C GLU E 85 -2.74 -21.24 -28.08
N GLN E 86 -1.47 -20.93 -27.88
CA GLN E 86 -1.04 -20.26 -26.66
C GLN E 86 -1.55 -18.81 -26.64
N LYS E 87 -1.54 -18.16 -27.79
CA LYS E 87 -1.99 -16.78 -27.91
C LYS E 87 -3.48 -16.73 -27.62
N LEU E 88 -4.20 -17.72 -28.14
CA LEU E 88 -5.64 -17.79 -27.95
C LEU E 88 -5.97 -18.07 -26.49
N ALA E 89 -5.17 -18.90 -25.82
CA ALA E 89 -5.44 -19.20 -24.42
C ALA E 89 -5.19 -17.95 -23.56
N LEU E 90 -4.11 -17.24 -23.84
CA LEU E 90 -3.81 -16.04 -23.09
C LEU E 90 -4.93 -15.04 -23.35
N ALA E 91 -5.39 -14.96 -24.60
CA ALA E 91 -6.47 -14.06 -24.97
C ALA E 91 -7.70 -14.33 -24.10
N GLU E 92 -7.90 -15.61 -23.80
CA GLU E 92 -9.04 -16.02 -22.99
C GLU E 92 -8.83 -15.61 -21.53
N ARG E 93 -7.57 -15.54 -21.09
CA ARG E 93 -7.30 -15.15 -19.72
C ARG E 93 -7.52 -13.63 -19.57
N ILE E 94 -7.45 -12.92 -20.68
CA ILE E 94 -7.66 -11.47 -20.68
C ILE E 94 -9.15 -11.09 -20.69
N ARG E 95 -9.99 -11.97 -21.23
CA ARG E 95 -11.42 -11.69 -21.31
C ARG E 95 -12.06 -11.21 -20.03
N GLY E 96 -12.76 -10.11 -20.14
CA GLY E 96 -13.42 -9.53 -18.98
C GLY E 96 -12.50 -8.57 -18.25
N HIS E 97 -11.23 -8.54 -18.63
CA HIS E 97 -10.25 -7.66 -17.98
C HIS E 97 -9.63 -6.60 -18.88
N VAL E 98 -10.02 -6.54 -20.14
CA VAL E 98 -9.43 -5.56 -21.06
C VAL E 98 -9.34 -4.12 -20.51
N LEU E 99 -10.45 -3.58 -20.03
CA LEU E 99 -10.46 -2.21 -19.52
C LEU E 99 -9.42 -1.98 -18.41
N SER E 100 -9.45 -2.79 -17.34
CA SER E 100 -8.49 -2.59 -16.24
C SER E 100 -7.04 -2.79 -16.67
N LEU E 101 -6.80 -3.68 -17.62
CA LEU E 101 -5.42 -3.90 -18.09
C LEU E 101 -4.96 -2.73 -18.97
N ALA E 102 -5.92 -2.17 -19.72
CA ALA E 102 -5.66 -1.07 -20.63
C ALA E 102 -5.23 0.20 -19.87
N LEU E 103 -5.73 0.35 -18.66
CA LEU E 103 -5.42 1.48 -17.80
C LEU E 103 -4.26 1.16 -16.86
N GLN E 104 -3.77 -0.08 -16.93
CA GLN E 104 -2.68 -0.52 -16.06
C GLN E 104 -1.33 -0.24 -16.71
N MET E 105 -0.40 0.26 -15.90
CA MET E 105 0.93 0.60 -16.38
C MET E 105 1.63 -0.54 -17.12
N TYR E 106 1.53 -1.75 -16.59
CA TYR E 106 2.18 -2.88 -17.22
C TYR E 106 1.25 -3.63 -18.16
N GLY E 107 0.00 -3.81 -17.75
CA GLY E 107 -0.96 -4.53 -18.58
C GLY E 107 -1.28 -3.89 -19.92
N CYS E 108 -1.20 -2.55 -20.02
CA CYS E 108 -1.53 -1.91 -21.30
C CYS E 108 -0.56 -2.36 -22.36
N ARG E 109 0.65 -2.73 -21.94
CA ARG E 109 1.67 -3.22 -22.87
C ARG E 109 1.28 -4.62 -23.40
N VAL E 110 0.64 -5.42 -22.55
CA VAL E 110 0.22 -6.75 -22.96
C VAL E 110 -0.92 -6.61 -23.97
N ILE E 111 -1.91 -5.79 -23.63
CA ILE E 111 -3.05 -5.55 -24.51
C ILE E 111 -2.56 -5.12 -25.89
N GLN E 112 -1.65 -4.15 -25.92
CA GLN E 112 -1.12 -3.66 -27.20
C GLN E 112 -0.45 -4.80 -27.95
N LYS E 113 0.35 -5.59 -27.26
CA LYS E 113 1.01 -6.71 -27.91
C LYS E 113 -0.02 -7.74 -28.40
N ALA E 114 -1.02 -8.02 -27.57
CA ALA E 114 -2.06 -8.98 -27.95
C ALA E 114 -2.81 -8.54 -29.21
N LEU E 115 -3.25 -7.28 -29.24
CA LEU E 115 -3.98 -6.75 -30.39
C LEU E 115 -3.24 -6.96 -31.70
N GLU E 116 -1.92 -6.95 -31.62
CA GLU E 116 -1.11 -7.11 -32.81
C GLU E 116 -1.07 -8.53 -33.36
N PHE E 117 -1.17 -9.52 -32.49
CA PHE E 117 -1.06 -10.90 -32.93
C PHE E 117 -2.26 -11.85 -32.92
N ILE E 118 -3.39 -11.45 -32.35
CA ILE E 118 -4.54 -12.35 -32.31
C ILE E 118 -5.41 -12.11 -33.54
N PRO E 119 -6.29 -13.09 -33.88
CA PRO E 119 -7.19 -12.98 -35.03
C PRO E 119 -8.20 -11.86 -34.83
N SER E 120 -8.79 -11.41 -35.93
CA SER E 120 -9.74 -10.30 -35.88
C SER E 120 -10.90 -10.53 -34.93
N ASP E 121 -11.29 -11.79 -34.75
CA ASP E 121 -12.38 -12.12 -33.85
C ASP E 121 -12.02 -11.79 -32.40
N GLN E 122 -10.80 -12.12 -32.00
CA GLN E 122 -10.35 -11.84 -30.64
C GLN E 122 -10.07 -10.33 -30.47
N GLN E 123 -9.61 -9.68 -31.53
CA GLN E 123 -9.35 -8.27 -31.47
C GLN E 123 -10.67 -7.54 -31.20
N ASN E 124 -11.66 -7.82 -32.05
CA ASN E 124 -12.99 -7.22 -31.94
C ASN E 124 -13.61 -7.41 -30.56
N GLU E 125 -13.42 -8.58 -30.00
CA GLU E 125 -13.95 -8.87 -28.68
C GLU E 125 -13.20 -8.03 -27.63
N MET E 126 -11.90 -7.81 -27.83
CA MET E 126 -11.14 -7.00 -26.89
C MET E 126 -11.60 -5.56 -26.98
N VAL E 127 -11.74 -5.07 -28.21
CA VAL E 127 -12.18 -3.72 -28.49
C VAL E 127 -13.52 -3.42 -27.82
N ARG E 128 -14.49 -4.32 -28.01
CA ARG E 128 -15.83 -4.13 -27.45
C ARG E 128 -15.88 -3.95 -25.94
N GLU E 129 -14.87 -4.43 -25.21
CA GLU E 129 -14.84 -4.28 -23.77
C GLU E 129 -14.55 -2.83 -23.39
N LEU E 130 -14.18 -2.02 -24.37
CA LEU E 130 -13.88 -0.61 -24.15
C LEU E 130 -15.12 0.23 -24.48
N ASP E 131 -16.17 -0.44 -24.94
CA ASP E 131 -17.43 0.22 -25.27
C ASP E 131 -17.88 0.95 -24.01
N GLY E 132 -18.10 2.25 -24.16
CA GLY E 132 -18.55 3.04 -23.02
C GLY E 132 -17.44 3.68 -22.20
N HIS E 133 -16.19 3.37 -22.52
CA HIS E 133 -15.05 3.94 -21.78
C HIS E 133 -14.02 4.62 -22.70
N VAL E 134 -14.45 4.97 -23.91
CA VAL E 134 -13.51 5.56 -24.85
C VAL E 134 -12.76 6.79 -24.33
N LEU E 135 -13.47 7.86 -23.99
CA LEU E 135 -12.78 9.06 -23.52
C LEU E 135 -11.91 8.83 -22.29
N LYS E 136 -12.34 7.95 -21.39
CA LYS E 136 -11.55 7.64 -20.20
C LYS E 136 -10.22 7.00 -20.63
N CYS E 137 -10.26 6.15 -21.63
CA CYS E 137 -9.03 5.52 -22.11
C CYS E 137 -8.18 6.51 -22.90
N VAL E 138 -8.83 7.32 -23.74
CA VAL E 138 -8.09 8.29 -24.54
C VAL E 138 -7.31 9.27 -23.67
N LYS E 139 -7.89 9.63 -22.53
CA LYS E 139 -7.28 10.60 -21.62
C LYS E 139 -6.36 9.99 -20.56
N ASP E 140 -6.21 8.66 -20.60
CA ASP E 140 -5.35 7.99 -19.64
C ASP E 140 -3.96 7.81 -20.20
N GLN E 141 -2.95 7.92 -19.33
CA GLN E 141 -1.57 7.75 -19.76
C GLN E 141 -1.27 6.36 -20.31
N ASN E 142 -1.95 5.35 -19.78
CA ASN E 142 -1.72 3.99 -20.28
C ASN E 142 -2.73 3.66 -21.35
N GLY E 143 -3.99 3.95 -21.08
CA GLY E 143 -5.06 3.67 -22.01
C GLY E 143 -5.03 4.26 -23.40
N ASN E 144 -4.47 5.47 -23.57
CA ASN E 144 -4.44 6.08 -24.89
C ASN E 144 -3.60 5.29 -25.89
N HIS E 145 -2.60 4.57 -25.39
CA HIS E 145 -1.75 3.78 -26.27
C HIS E 145 -2.49 2.53 -26.75
N VAL E 146 -3.42 2.05 -25.94
CA VAL E 146 -4.22 0.89 -26.33
C VAL E 146 -5.21 1.36 -27.39
N VAL E 147 -5.79 2.54 -27.21
CA VAL E 147 -6.74 3.01 -28.21
C VAL E 147 -6.05 3.23 -29.56
N GLN E 148 -4.85 3.80 -29.54
CA GLN E 148 -4.10 4.04 -30.78
C GLN E 148 -3.83 2.70 -31.45
N LYS E 149 -3.43 1.73 -30.64
CA LYS E 149 -3.12 0.39 -31.12
C LYS E 149 -4.35 -0.22 -31.80
N CYS E 150 -5.52 -0.08 -31.17
CA CYS E 150 -6.77 -0.60 -31.74
C CYS E 150 -6.96 0.01 -33.12
N ILE E 151 -6.78 1.32 -33.18
CA ILE E 151 -6.99 2.05 -34.42
C ILE E 151 -6.07 1.56 -35.53
N GLU E 152 -4.83 1.22 -35.20
CA GLU E 152 -3.94 0.75 -36.25
C GLU E 152 -4.02 -0.75 -36.53
N CYS E 153 -4.63 -1.54 -35.65
CA CYS E 153 -4.71 -2.99 -35.87
C CYS E 153 -6.06 -3.59 -36.21
N VAL E 154 -7.13 -2.97 -35.73
CA VAL E 154 -8.46 -3.51 -35.95
C VAL E 154 -9.22 -2.94 -37.14
N GLN E 155 -10.05 -3.77 -37.77
CA GLN E 155 -10.88 -3.37 -38.91
C GLN E 155 -11.58 -2.07 -38.47
N PRO E 156 -11.36 -0.96 -39.21
CA PRO E 156 -11.97 0.33 -38.86
C PRO E 156 -13.47 0.30 -38.57
N GLN E 157 -14.16 -0.71 -39.08
CA GLN E 157 -15.60 -0.85 -38.86
C GLN E 157 -15.91 -1.10 -37.38
N SER E 158 -15.04 -1.83 -36.69
CA SER E 158 -15.25 -2.09 -35.28
C SER E 158 -14.88 -0.87 -34.42
N LEU E 159 -14.35 0.18 -35.06
CA LEU E 159 -13.93 1.37 -34.32
C LEU E 159 -14.97 2.50 -34.34
N GLN E 160 -16.10 2.26 -35.00
CA GLN E 160 -17.14 3.27 -35.08
C GLN E 160 -17.50 3.88 -33.73
N PHE E 161 -17.55 3.04 -32.70
CA PHE E 161 -17.90 3.54 -31.38
C PHE E 161 -16.90 4.55 -30.85
N ILE E 162 -15.65 4.49 -31.33
CA ILE E 162 -14.65 5.45 -30.89
C ILE E 162 -14.97 6.76 -31.62
N ILE E 163 -15.35 6.64 -32.90
CA ILE E 163 -15.72 7.78 -33.72
C ILE E 163 -16.94 8.46 -33.09
N ASP E 164 -17.97 7.67 -32.76
CA ASP E 164 -19.17 8.21 -32.14
C ASP E 164 -18.78 9.02 -30.91
N ALA E 165 -17.90 8.47 -30.09
CA ALA E 165 -17.48 9.16 -28.88
C ALA E 165 -16.68 10.43 -29.13
N PHE E 166 -16.03 10.52 -30.29
CA PHE E 166 -15.23 11.70 -30.61
C PHE E 166 -16.03 12.87 -31.21
N LYS E 167 -17.20 12.58 -31.75
CA LYS E 167 -18.02 13.61 -32.38
C LYS E 167 -18.40 14.73 -31.42
N GLY E 168 -18.12 15.96 -31.84
CA GLY E 168 -18.43 17.11 -31.02
C GLY E 168 -17.33 17.49 -30.05
N GLN E 169 -16.33 16.62 -29.88
CA GLN E 169 -15.24 16.91 -28.95
C GLN E 169 -13.86 16.90 -29.60
N VAL E 170 -13.83 16.93 -30.93
CA VAL E 170 -12.58 16.91 -31.69
C VAL E 170 -11.66 18.06 -31.30
N PHE E 171 -12.23 19.26 -31.19
CA PHE E 171 -11.42 20.39 -30.79
C PHE E 171 -10.82 20.11 -29.41
N ALA E 172 -11.65 19.68 -28.46
CA ALA E 172 -11.17 19.41 -27.11
C ALA E 172 -10.10 18.32 -27.07
N LEU E 173 -10.29 17.25 -27.81
CA LEU E 173 -9.31 16.17 -27.84
C LEU E 173 -8.04 16.54 -28.64
N SER E 174 -8.17 17.40 -29.65
CA SER E 174 -7.00 17.77 -30.44
C SER E 174 -6.01 18.63 -29.66
N THR E 175 -6.46 19.27 -28.57
CA THR E 175 -5.58 20.08 -27.73
C THR E 175 -5.17 19.29 -26.48
N HIS E 176 -5.68 18.07 -26.37
CA HIS E 176 -5.32 17.20 -25.24
C HIS E 176 -3.99 16.55 -25.66
N PRO E 177 -3.07 16.34 -24.71
CA PRO E 177 -1.78 15.72 -25.09
C PRO E 177 -1.87 14.26 -25.56
N TYR E 178 -2.88 13.50 -25.13
CA TYR E 178 -3.03 12.11 -25.59
C TYR E 178 -4.03 12.06 -26.74
N GLY E 179 -5.07 12.91 -26.66
CA GLY E 179 -6.09 12.93 -27.69
C GLY E 179 -5.60 13.34 -29.07
N CYS E 180 -4.65 14.29 -29.11
CA CYS E 180 -4.12 14.73 -30.39
C CYS E 180 -3.47 13.55 -31.12
N ARG E 181 -2.95 12.59 -30.34
CA ARG E 181 -2.29 11.39 -30.86
C ARG E 181 -3.29 10.42 -31.49
N VAL E 182 -4.36 10.16 -30.75
CA VAL E 182 -5.41 9.27 -31.18
C VAL E 182 -6.07 9.85 -32.42
N ILE E 183 -6.28 11.17 -32.42
CA ILE E 183 -6.88 11.80 -33.58
C ILE E 183 -6.00 11.61 -34.81
N GLN E 184 -4.68 11.71 -34.67
CA GLN E 184 -3.84 11.49 -35.83
C GLN E 184 -3.95 10.01 -36.30
N ARG E 185 -4.11 9.07 -35.36
CA ARG E 185 -4.24 7.67 -35.76
C ARG E 185 -5.56 7.45 -36.51
N ILE E 186 -6.62 8.14 -36.08
CA ILE E 186 -7.93 8.02 -36.74
C ILE E 186 -7.87 8.52 -38.19
N LEU E 187 -7.13 9.59 -38.42
CA LEU E 187 -7.00 10.16 -39.76
C LEU E 187 -6.24 9.24 -40.73
N GLU E 188 -5.32 8.45 -40.19
CA GLU E 188 -4.51 7.54 -41.00
C GLU E 188 -5.18 6.20 -41.31
N HIS E 189 -6.02 5.72 -40.39
CA HIS E 189 -6.62 4.42 -40.57
C HIS E 189 -8.12 4.29 -40.73
N CYS E 190 -8.90 5.24 -40.24
CA CYS E 190 -10.33 5.05 -40.37
C CYS E 190 -10.92 5.41 -41.73
N LEU E 191 -12.19 5.05 -41.91
CA LEU E 191 -12.92 5.26 -43.15
C LEU E 191 -13.40 6.70 -43.34
N PRO E 192 -13.59 7.12 -44.60
CA PRO E 192 -14.05 8.46 -44.96
C PRO E 192 -15.30 8.93 -44.22
N ASP E 193 -16.25 8.03 -44.03
CA ASP E 193 -17.48 8.37 -43.31
C ASP E 193 -17.14 8.63 -41.85
N GLN E 194 -15.97 8.17 -41.44
CA GLN E 194 -15.53 8.36 -40.06
C GLN E 194 -14.53 9.50 -39.92
N THR E 195 -13.70 9.75 -40.94
CA THR E 195 -12.75 10.86 -40.85
C THR E 195 -13.41 12.18 -41.24
N LEU E 196 -14.43 12.11 -42.08
CA LEU E 196 -15.13 13.31 -42.54
C LEU E 196 -15.59 14.20 -41.38
N PRO E 197 -16.34 13.65 -40.41
CA PRO E 197 -16.82 14.42 -39.26
C PRO E 197 -15.64 15.01 -38.48
N ILE E 198 -14.60 14.21 -38.29
CA ILE E 198 -13.41 14.66 -37.57
C ILE E 198 -12.78 15.86 -38.29
N LEU E 199 -12.67 15.76 -39.61
CA LEU E 199 -12.09 16.84 -40.40
C LEU E 199 -12.98 18.09 -40.39
N GLU E 200 -14.29 17.90 -40.43
CA GLU E 200 -15.17 19.06 -40.41
C GLU E 200 -14.91 19.89 -39.15
N GLU E 201 -14.74 19.22 -38.02
CA GLU E 201 -14.49 19.93 -36.77
C GLU E 201 -13.07 20.50 -36.73
N LEU E 202 -12.10 19.81 -37.32
CA LEU E 202 -10.75 20.35 -37.32
C LEU E 202 -10.73 21.62 -38.16
N HIS E 203 -11.49 21.65 -39.24
CA HIS E 203 -11.51 22.86 -40.06
C HIS E 203 -12.19 23.99 -39.28
N GLN E 204 -13.29 23.68 -38.61
CA GLN E 204 -14.04 24.66 -37.83
C GLN E 204 -13.14 25.39 -36.81
N HIS E 205 -12.18 24.69 -36.22
CA HIS E 205 -11.29 25.28 -35.22
C HIS E 205 -9.82 25.39 -35.62
N THR E 206 -9.54 25.57 -36.91
CA THR E 206 -8.16 25.67 -37.36
C THR E 206 -7.40 26.86 -36.75
N GLU E 207 -8.03 28.02 -36.67
CA GLU E 207 -7.37 29.20 -36.11
C GLU E 207 -6.81 28.97 -34.72
N GLN E 208 -7.63 28.46 -33.82
CA GLN E 208 -7.18 28.18 -32.46
C GLN E 208 -6.21 27.00 -32.45
N LEU E 209 -6.51 25.98 -33.24
CA LEU E 209 -5.66 24.79 -33.28
C LEU E 209 -4.22 25.03 -33.75
N VAL E 210 -4.01 25.87 -34.76
CA VAL E 210 -2.62 26.07 -35.21
C VAL E 210 -1.77 26.71 -34.11
N GLN E 211 -2.41 27.44 -33.20
CA GLN E 211 -1.66 28.09 -32.13
C GLN E 211 -1.55 27.30 -30.84
N ASP E 212 -2.20 26.14 -30.80
CA ASP E 212 -2.16 25.30 -29.61
C ASP E 212 -0.94 24.39 -29.52
N GLN E 213 -0.45 24.17 -28.31
CA GLN E 213 0.72 23.32 -28.04
C GLN E 213 0.62 21.94 -28.68
N TYR E 214 -0.57 21.36 -28.71
CA TYR E 214 -0.74 20.03 -29.28
C TYR E 214 -1.53 20.05 -30.57
N GLY E 215 -2.51 20.93 -30.63
CA GLY E 215 -3.35 21.03 -31.81
C GLY E 215 -2.58 21.33 -33.09
N ASN E 216 -1.47 22.05 -32.99
CA ASN E 216 -0.70 22.38 -34.18
C ASN E 216 -0.17 21.11 -34.86
N TYR E 217 0.09 20.05 -34.10
CA TYR E 217 0.56 18.80 -34.69
C TYR E 217 -0.55 18.12 -35.51
N VAL E 218 -1.80 18.22 -35.04
CA VAL E 218 -2.92 17.63 -35.76
C VAL E 218 -3.08 18.33 -37.11
N ILE E 219 -3.00 19.67 -37.10
CA ILE E 219 -3.13 20.41 -38.33
C ILE E 219 -1.97 20.07 -39.29
N GLN E 220 -0.76 20.01 -38.76
CA GLN E 220 0.39 19.68 -39.61
C GLN E 220 0.21 18.29 -40.23
N HIS E 221 -0.39 17.37 -39.48
CA HIS E 221 -0.62 16.02 -39.98
C HIS E 221 -1.48 16.03 -41.24
N VAL E 222 -2.52 16.84 -41.21
CA VAL E 222 -3.42 16.95 -42.36
C VAL E 222 -2.66 17.51 -43.56
N LEU E 223 -1.79 18.49 -43.31
CA LEU E 223 -1.01 19.08 -44.39
C LEU E 223 -0.04 18.07 -44.99
N GLU E 224 0.48 17.17 -44.18
CA GLU E 224 1.43 16.18 -44.67
C GLU E 224 0.82 14.88 -45.20
N HIS E 225 -0.41 14.56 -44.82
CA HIS E 225 -1.00 13.30 -45.27
C HIS E 225 -2.42 13.41 -45.77
N GLY E 226 -3.04 14.56 -45.57
CA GLY E 226 -4.42 14.75 -45.99
C GLY E 226 -4.66 14.95 -47.48
N ARG E 227 -5.94 15.02 -47.84
CA ARG E 227 -6.32 15.22 -49.22
C ARG E 227 -6.10 16.68 -49.58
N PRO E 228 -5.89 16.97 -50.88
CA PRO E 228 -5.68 18.36 -51.30
C PRO E 228 -6.78 19.31 -50.86
N GLU E 229 -8.03 18.84 -50.82
CA GLU E 229 -9.14 19.69 -50.41
C GLU E 229 -8.99 20.12 -48.95
N ASP E 230 -8.64 19.19 -48.08
CA ASP E 230 -8.46 19.52 -46.67
C ASP E 230 -7.23 20.41 -46.51
N LYS E 231 -6.17 20.13 -47.27
CA LYS E 231 -4.95 20.94 -47.19
C LYS E 231 -5.24 22.39 -47.61
N SER E 232 -6.07 22.55 -48.64
CA SER E 232 -6.41 23.88 -49.12
C SER E 232 -7.23 24.70 -48.11
N LYS E 233 -8.12 24.04 -47.37
CA LYS E 233 -8.91 24.77 -46.39
C LYS E 233 -8.00 25.33 -45.33
N ILE E 234 -7.00 24.54 -44.94
CA ILE E 234 -6.04 24.97 -43.94
C ILE E 234 -5.20 26.14 -44.50
N VAL E 235 -4.71 26.00 -45.72
CA VAL E 235 -3.91 27.06 -46.32
C VAL E 235 -4.73 28.36 -46.38
N ALA E 236 -6.02 28.25 -46.66
CA ALA E 236 -6.85 29.46 -46.73
C ALA E 236 -6.94 30.18 -45.38
N GLU E 237 -6.87 29.45 -44.27
CA GLU E 237 -6.93 30.07 -42.95
C GLU E 237 -5.63 30.76 -42.59
N ILE E 238 -4.54 30.25 -43.14
CA ILE E 238 -3.22 30.78 -42.90
C ILE E 238 -2.93 32.04 -43.71
N ARG E 239 -3.46 32.10 -44.93
CA ARG E 239 -3.16 33.27 -45.77
C ARG E 239 -3.83 34.53 -45.23
N GLY E 240 -3.06 35.61 -45.26
CA GLY E 240 -3.53 36.87 -44.73
C GLY E 240 -2.87 37.01 -43.37
N ASN E 241 -2.49 35.87 -42.79
CA ASN E 241 -1.87 35.85 -41.46
C ASN E 241 -0.45 35.30 -41.42
N VAL E 242 0.18 35.16 -42.58
CA VAL E 242 1.52 34.59 -42.65
C VAL E 242 2.49 35.27 -41.68
N LEU E 243 2.58 36.59 -41.75
CA LEU E 243 3.49 37.32 -40.87
C LEU E 243 3.24 37.06 -39.39
N VAL E 244 2.00 37.23 -38.93
CA VAL E 244 1.71 37.02 -37.52
C VAL E 244 1.97 35.57 -37.09
N LEU E 245 1.37 34.61 -37.79
CA LEU E 245 1.57 33.20 -37.43
C LEU E 245 3.03 32.74 -37.55
N SER E 246 3.79 33.34 -38.44
CA SER E 246 5.21 32.96 -38.60
C SER E 246 6.01 33.31 -37.36
N GLN E 247 5.52 34.27 -36.59
CA GLN E 247 6.21 34.72 -35.38
C GLN E 247 5.74 34.01 -34.11
N HIS E 248 4.88 33.01 -34.27
CA HIS E 248 4.33 32.26 -33.15
C HIS E 248 5.08 30.95 -32.94
N LYS E 249 5.41 30.63 -31.70
CA LYS E 249 6.16 29.43 -31.40
C LYS E 249 5.51 28.17 -31.97
N PHE E 250 4.19 28.10 -31.88
CA PHE E 250 3.53 26.91 -32.39
C PHE E 250 3.06 27.01 -33.84
N ALA E 251 2.33 28.07 -34.17
CA ALA E 251 1.80 28.24 -35.51
C ALA E 251 2.88 28.35 -36.60
N SER E 252 4.07 28.85 -36.25
CA SER E 252 5.12 28.98 -37.25
C SER E 252 5.39 27.66 -37.94
N ASN E 253 5.32 26.56 -37.19
CA ASN E 253 5.54 25.23 -37.76
C ASN E 253 4.46 24.91 -38.79
N VAL E 254 3.23 25.31 -38.50
CA VAL E 254 2.14 25.07 -39.43
C VAL E 254 2.35 25.94 -40.68
N VAL E 255 2.91 27.14 -40.52
CA VAL E 255 3.15 27.99 -41.68
C VAL E 255 4.10 27.27 -42.64
N GLU E 256 5.14 26.68 -42.07
CA GLU E 256 6.12 25.95 -42.84
C GLU E 256 5.46 24.79 -43.59
N LYS E 257 4.64 24.00 -42.91
CA LYS E 257 4.00 22.88 -43.58
C LYS E 257 3.12 23.37 -44.71
N CYS E 258 2.50 24.53 -44.53
CA CYS E 258 1.66 25.10 -45.56
C CYS E 258 2.51 25.43 -46.78
N VAL E 259 3.65 26.10 -46.54
CA VAL E 259 4.52 26.47 -47.64
C VAL E 259 4.95 25.22 -48.40
N THR E 260 5.38 24.21 -47.65
CA THR E 260 5.85 22.95 -48.22
C THR E 260 4.81 22.11 -48.95
N HIS E 261 3.66 21.88 -48.34
CA HIS E 261 2.63 21.04 -48.95
C HIS E 261 1.52 21.72 -49.73
N ALA E 262 1.58 23.04 -49.86
CA ALA E 262 0.57 23.78 -50.61
C ALA E 262 0.71 23.54 -52.11
N SER E 263 -0.34 23.84 -52.87
CA SER E 263 -0.28 23.67 -54.33
C SER E 263 0.64 24.75 -54.86
N ARG E 264 1.01 24.66 -56.14
CA ARG E 264 1.89 25.65 -56.75
C ARG E 264 1.32 27.07 -56.61
N THR E 265 0.06 27.25 -56.96
CA THR E 265 -0.57 28.55 -56.83
C THR E 265 -0.56 29.00 -55.37
N GLU E 266 -1.05 28.16 -54.48
CA GLU E 266 -1.08 28.49 -53.05
C GLU E 266 0.30 28.89 -52.52
N ARG E 267 1.33 28.11 -52.87
CA ARG E 267 2.70 28.39 -52.42
C ARG E 267 3.13 29.78 -52.88
N ALA E 268 2.89 30.09 -54.15
CA ALA E 268 3.29 31.38 -54.70
C ALA E 268 2.62 32.52 -53.96
N VAL E 269 1.33 32.33 -53.66
CA VAL E 269 0.55 33.34 -52.96
C VAL E 269 1.00 33.60 -51.53
N LEU E 270 1.37 32.54 -50.82
CA LEU E 270 1.82 32.71 -49.44
C LEU E 270 3.13 33.49 -49.38
N ILE E 271 4.05 33.15 -50.26
CA ILE E 271 5.34 33.82 -50.31
C ILE E 271 5.19 35.28 -50.74
N ASP E 272 4.32 35.51 -51.71
CA ASP E 272 4.09 36.86 -52.23
C ASP E 272 3.54 37.75 -51.13
N GLU E 273 2.65 37.18 -50.33
CA GLU E 273 2.04 37.91 -49.23
C GLU E 273 3.10 38.62 -48.38
N VAL E 274 4.20 37.95 -48.12
CA VAL E 274 5.28 38.51 -47.31
C VAL E 274 6.30 39.31 -48.14
N CYS E 275 6.24 39.19 -49.45
CA CYS E 275 7.16 39.94 -50.30
C CYS E 275 6.54 41.30 -50.61
N THR E 276 5.21 41.34 -50.66
CA THR E 276 4.47 42.56 -50.96
C THR E 276 4.13 43.39 -49.72
N MET E 277 3.43 42.75 -48.78
CA MET E 277 3.02 43.43 -47.55
C MET E 277 4.19 44.05 -46.80
N ASN E 278 3.97 45.24 -46.28
CA ASN E 278 4.99 45.96 -45.52
C ASN E 278 4.63 45.91 -44.04
N ASP E 279 5.64 45.82 -43.20
CA ASP E 279 5.44 45.76 -41.75
C ASP E 279 6.11 46.94 -41.08
N GLY E 280 5.36 48.03 -40.91
CA GLY E 280 5.91 49.22 -40.29
C GLY E 280 7.13 49.76 -41.02
N PRO E 281 8.35 49.56 -40.49
CA PRO E 281 9.56 50.03 -41.15
C PRO E 281 9.75 49.49 -42.57
N HIS E 282 9.84 48.16 -42.69
CA HIS E 282 10.02 47.52 -43.98
C HIS E 282 9.04 46.38 -44.16
N SER E 283 9.14 45.65 -45.27
CA SER E 283 8.22 44.55 -45.54
C SER E 283 8.18 43.47 -44.47
N ALA E 284 7.17 42.63 -44.57
CA ALA E 284 6.97 41.52 -43.65
C ALA E 284 8.19 40.61 -43.60
N LEU E 285 8.81 40.40 -44.76
CA LEU E 285 9.98 39.54 -44.84
C LEU E 285 11.10 39.97 -43.91
N TYR E 286 11.38 41.27 -43.86
CA TYR E 286 12.45 41.76 -43.02
C TYR E 286 12.19 41.50 -41.54
N THR E 287 10.97 41.74 -41.09
CA THR E 287 10.60 41.49 -39.69
C THR E 287 10.71 39.97 -39.46
N MET E 288 10.25 39.20 -40.43
CA MET E 288 10.33 37.75 -40.34
C MET E 288 11.76 37.25 -40.19
N MET E 289 12.69 37.81 -40.97
CA MET E 289 14.09 37.39 -40.90
C MET E 289 14.75 37.64 -39.55
N LYS E 290 14.27 38.62 -38.80
CA LYS E 290 14.83 38.92 -37.48
C LYS E 290 14.14 38.21 -36.33
N ASP E 291 13.03 37.54 -36.61
CA ASP E 291 12.27 36.86 -35.57
C ASP E 291 12.83 35.48 -35.22
N GLN E 292 12.69 35.10 -33.94
CA GLN E 292 13.17 33.82 -33.44
C GLN E 292 12.52 32.60 -34.10
N TYR E 293 11.29 32.77 -34.60
CA TYR E 293 10.60 31.65 -35.24
C TYR E 293 10.42 31.84 -36.73
N ALA E 294 10.10 33.07 -37.13
CA ALA E 294 9.86 33.37 -38.53
C ALA E 294 11.07 33.19 -39.45
N ASN E 295 12.28 33.32 -38.90
CA ASN E 295 13.47 33.15 -39.71
C ASN E 295 13.44 31.76 -40.31
N TYR E 296 12.83 30.80 -39.61
CA TYR E 296 12.74 29.44 -40.14
C TYR E 296 11.76 29.39 -41.29
N VAL E 297 10.72 30.23 -41.22
CA VAL E 297 9.72 30.25 -42.31
C VAL E 297 10.34 30.83 -43.59
N VAL E 298 11.12 31.90 -43.46
CA VAL E 298 11.77 32.51 -44.62
C VAL E 298 12.63 31.48 -45.33
N GLN E 299 13.40 30.73 -44.55
CA GLN E 299 14.28 29.71 -45.10
C GLN E 299 13.50 28.62 -45.85
N LYS E 300 12.38 28.20 -45.28
CA LYS E 300 11.56 27.18 -45.93
C LYS E 300 11.04 27.77 -47.24
N MET E 301 10.74 29.07 -47.22
CA MET E 301 10.23 29.75 -48.41
C MET E 301 11.31 29.81 -49.50
N ILE E 302 12.55 30.00 -49.10
CA ILE E 302 13.66 30.02 -50.06
C ILE E 302 13.83 28.62 -50.66
N ASP E 303 13.70 27.59 -49.83
CA ASP E 303 13.85 26.22 -50.28
C ASP E 303 12.82 25.71 -51.29
N VAL E 304 11.55 26.05 -51.08
CA VAL E 304 10.51 25.56 -51.97
C VAL E 304 10.07 26.54 -53.04
N ALA E 305 10.47 27.80 -52.90
CA ALA E 305 10.08 28.80 -53.89
C ALA E 305 10.59 28.35 -55.25
N GLU E 306 9.82 28.60 -56.30
CA GLU E 306 10.25 28.25 -57.64
C GLU E 306 11.31 29.27 -58.05
N PRO E 307 12.25 28.86 -58.91
CA PRO E 307 13.33 29.72 -59.39
C PRO E 307 12.94 31.19 -59.55
N GLY E 308 11.96 31.46 -60.41
CA GLY E 308 11.53 32.82 -60.62
C GLY E 308 11.19 33.54 -59.32
N GLN E 309 10.39 32.91 -58.47
CA GLN E 309 10.00 33.52 -57.21
C GLN E 309 11.15 33.58 -56.19
N ARG E 310 12.05 32.60 -56.22
CA ARG E 310 13.18 32.63 -55.30
C ARG E 310 13.98 33.90 -55.57
N LYS E 311 14.05 34.26 -56.86
CA LYS E 311 14.79 35.46 -57.28
C LYS E 311 14.17 36.66 -56.59
N ILE E 312 12.85 36.75 -56.64
CA ILE E 312 12.13 37.86 -56.04
C ILE E 312 12.44 37.94 -54.54
N VAL E 313 12.41 36.79 -53.88
CA VAL E 313 12.67 36.73 -52.45
C VAL E 313 14.08 37.18 -52.12
N MET E 314 15.06 36.73 -52.91
CA MET E 314 16.45 37.11 -52.69
C MET E 314 16.63 38.61 -52.83
N HIS E 315 16.04 39.18 -53.87
CA HIS E 315 16.13 40.63 -54.10
C HIS E 315 15.57 41.40 -52.91
N LYS E 316 14.50 40.87 -52.32
CA LYS E 316 13.87 41.51 -51.15
C LYS E 316 14.82 41.52 -49.95
N ILE E 317 15.52 40.41 -49.78
CA ILE E 317 16.47 40.24 -48.67
C ILE E 317 17.77 41.01 -48.88
N ARG E 318 18.26 40.99 -50.11
CA ARG E 318 19.52 41.64 -50.49
C ARG E 318 19.93 42.91 -49.78
N PRO E 319 19.08 43.96 -49.80
CA PRO E 319 19.37 45.24 -49.15
C PRO E 319 19.65 45.16 -47.64
N HIS E 320 19.13 44.15 -46.98
CA HIS E 320 19.33 44.01 -45.55
C HIS E 320 20.52 43.12 -45.20
N ILE E 321 21.17 42.55 -46.20
CA ILE E 321 22.28 41.64 -45.93
C ILE E 321 23.31 42.13 -44.92
N ALA E 322 23.75 43.37 -45.01
CA ALA E 322 24.75 43.87 -44.07
C ALA E 322 24.17 44.03 -42.66
N THR E 323 22.93 44.52 -42.59
CA THR E 323 22.29 44.74 -41.30
C THR E 323 21.95 43.45 -40.57
N LEU E 324 21.62 42.40 -41.32
CA LEU E 324 21.28 41.11 -40.73
C LEU E 324 22.30 40.59 -39.71
N ARG E 325 23.56 40.94 -39.92
CA ARG E 325 24.62 40.48 -39.03
C ARG E 325 24.45 40.94 -37.58
N LYS E 326 23.77 42.07 -37.39
CA LYS E 326 23.57 42.61 -36.05
C LYS E 326 22.41 41.96 -35.28
N TYR E 327 21.67 41.06 -35.92
CA TYR E 327 20.55 40.41 -35.24
C TYR E 327 20.76 38.94 -34.97
N THR E 328 20.37 38.52 -33.78
CA THR E 328 20.51 37.13 -33.35
C THR E 328 20.08 36.17 -34.45
N TYR E 329 18.83 36.30 -34.87
CA TYR E 329 18.28 35.42 -35.89
C TYR E 329 18.60 35.80 -37.33
N GLY E 330 18.91 37.07 -37.56
CA GLY E 330 19.27 37.49 -38.91
C GLY E 330 20.47 36.68 -39.37
N LYS E 331 21.43 36.53 -38.46
CA LYS E 331 22.65 35.78 -38.72
C LYS E 331 22.35 34.43 -39.35
N HIS E 332 21.28 33.80 -38.89
CA HIS E 332 20.92 32.49 -39.39
C HIS E 332 20.44 32.58 -40.83
N ILE E 333 19.88 33.72 -41.19
CA ILE E 333 19.42 33.91 -42.56
C ILE E 333 20.66 34.07 -43.45
N LEU E 334 21.68 34.78 -42.96
CA LEU E 334 22.91 34.97 -43.72
C LEU E 334 23.51 33.62 -44.09
N ALA E 335 23.59 32.73 -43.09
CA ALA E 335 24.12 31.39 -43.30
C ALA E 335 23.37 30.69 -44.43
N LYS E 336 22.04 30.75 -44.38
CA LYS E 336 21.19 30.15 -45.39
C LYS E 336 21.53 30.74 -46.77
N LEU E 337 21.76 32.05 -46.82
CA LEU E 337 22.08 32.71 -48.07
C LEU E 337 23.37 32.20 -48.70
N GLU E 338 24.30 31.73 -47.86
CA GLU E 338 25.59 31.21 -48.33
C GLU E 338 25.41 30.24 -49.49
N LYS E 339 24.66 29.17 -49.24
CA LYS E 339 24.38 28.13 -50.24
C LYS E 339 23.86 28.72 -51.54
N TYR E 340 23.17 29.85 -51.44
CA TYR E 340 22.59 30.52 -52.59
C TYR E 340 23.42 31.75 -52.99
N GLY F 1 -7.61 17.08 1.00
CA GLY F 1 -8.37 16.78 -0.25
C GLY F 1 -8.05 15.41 -0.83
N ARG F 2 -8.98 14.46 -0.66
CA ARG F 2 -8.77 13.12 -1.18
C ARG F 2 -8.53 13.10 -2.68
N SER F 3 -7.39 12.57 -3.08
CA SER F 3 -7.02 12.46 -4.47
C SER F 3 -8.03 11.57 -5.20
N ARG F 4 -8.12 11.75 -6.51
CA ARG F 4 -9.02 10.97 -7.35
C ARG F 4 -8.74 9.47 -7.14
N LEU F 5 -7.45 9.12 -7.08
CA LEU F 5 -7.04 7.73 -6.87
C LEU F 5 -7.58 7.16 -5.56
N LEU F 6 -7.48 7.93 -4.49
CA LEU F 6 -7.98 7.46 -3.21
C LEU F 6 -9.51 7.33 -3.24
N GLU F 7 -10.17 8.37 -3.74
CA GLU F 7 -11.63 8.38 -3.85
C GLU F 7 -12.11 7.17 -4.62
N ASP F 8 -11.51 6.93 -5.78
CA ASP F 8 -11.89 5.79 -6.59
C ASP F 8 -11.68 4.50 -5.81
N PHE F 9 -10.55 4.38 -5.12
CA PHE F 9 -10.26 3.17 -4.34
C PHE F 9 -11.29 2.96 -3.22
N ARG F 10 -11.62 4.02 -2.52
CA ARG F 10 -12.57 3.94 -1.43
C ARG F 10 -13.94 3.44 -1.87
N ASN F 11 -14.25 3.56 -3.16
CA ASN F 11 -15.53 3.11 -3.67
C ASN F 11 -15.40 1.84 -4.49
N ASN F 12 -14.54 0.94 -4.01
CA ASN F 12 -14.30 -0.34 -4.66
C ASN F 12 -14.36 -0.14 -6.17
N ARG F 13 -13.33 0.49 -6.72
CA ARG F 13 -13.27 0.75 -8.15
C ARG F 13 -11.96 0.21 -8.69
N TYR F 14 -11.06 -0.17 -7.79
CA TYR F 14 -9.77 -0.73 -8.14
C TYR F 14 -9.65 -2.12 -7.52
N PRO F 15 -10.54 -3.04 -7.93
CA PRO F 15 -10.56 -4.41 -7.42
C PRO F 15 -9.19 -5.04 -7.23
N ASN F 16 -8.30 -4.79 -8.18
CA ASN F 16 -6.96 -5.35 -8.11
C ASN F 16 -5.91 -4.23 -8.12
N LEU F 17 -5.63 -3.67 -6.95
CA LEU F 17 -4.67 -2.59 -6.83
C LEU F 17 -3.38 -3.03 -6.14
N GLN F 18 -2.24 -2.66 -6.71
CA GLN F 18 -0.94 -3.01 -6.16
C GLN F 18 -0.23 -1.77 -5.60
N LEU F 19 0.66 -1.99 -4.63
CA LEU F 19 1.40 -0.90 -4.00
C LEU F 19 2.01 0.06 -5.01
N ARG F 20 2.71 -0.47 -6.00
CA ARG F 20 3.33 0.38 -7.01
C ARG F 20 2.39 1.42 -7.59
N GLU F 21 1.11 1.08 -7.69
CA GLU F 21 0.13 2.00 -8.25
C GLU F 21 -0.17 3.19 -7.34
N ILE F 22 0.15 3.10 -6.04
CA ILE F 22 -0.13 4.24 -5.19
C ILE F 22 1.10 5.09 -4.88
N ALA F 23 2.11 5.04 -5.75
CA ALA F 23 3.35 5.83 -5.58
C ALA F 23 2.95 7.31 -5.58
N GLY F 24 3.55 8.09 -4.69
CA GLY F 24 3.20 9.50 -4.60
C GLY F 24 1.96 9.72 -3.73
N HIS F 25 1.23 8.65 -3.40
CA HIS F 25 0.03 8.77 -2.54
C HIS F 25 0.10 7.96 -1.25
N ILE F 26 1.30 7.56 -0.87
CA ILE F 26 1.47 6.73 0.31
C ILE F 26 1.10 7.34 1.65
N MET F 27 1.38 8.63 1.84
CA MET F 27 1.04 9.26 3.10
C MET F 27 -0.49 9.34 3.20
N GLU F 28 -1.10 9.76 2.09
CA GLU F 28 -2.54 9.91 1.96
C GLU F 28 -3.26 8.58 2.26
N PHE F 29 -2.77 7.48 1.68
CA PHE F 29 -3.40 6.19 1.91
C PHE F 29 -3.19 5.72 3.35
N SER F 30 -2.05 6.10 3.93
CA SER F 30 -1.73 5.70 5.29
C SER F 30 -2.60 6.36 6.36
N GLN F 31 -3.06 7.58 6.06
CA GLN F 31 -3.88 8.32 7.01
C GLN F 31 -5.37 8.11 6.72
N ASP F 32 -5.67 7.19 5.80
CA ASP F 32 -7.05 6.87 5.40
C ASP F 32 -7.49 5.53 5.98
N GLN F 33 -8.73 5.48 6.45
CA GLN F 33 -9.30 4.27 7.03
C GLN F 33 -9.02 3.05 6.17
N HIS F 34 -9.49 3.10 4.94
CA HIS F 34 -9.31 2.00 4.00
C HIS F 34 -7.93 1.95 3.36
N GLY F 35 -7.37 3.10 3.03
CA GLY F 35 -6.05 3.10 2.43
C GLY F 35 -5.04 2.51 3.38
N SER F 36 -5.21 2.79 4.67
CA SER F 36 -4.29 2.30 5.69
C SER F 36 -4.30 0.78 5.77
N ARG F 37 -5.48 0.18 5.63
CA ARG F 37 -5.58 -1.26 5.70
C ARG F 37 -4.97 -1.88 4.46
N PHE F 38 -5.20 -1.24 3.31
CA PHE F 38 -4.66 -1.73 2.05
C PHE F 38 -3.14 -1.89 2.16
N ILE F 39 -2.47 -0.89 2.71
CA ILE F 39 -1.02 -0.97 2.85
C ILE F 39 -0.63 -2.02 3.88
N GLN F 40 -1.25 -1.98 5.06
CA GLN F 40 -0.97 -2.94 6.14
C GLN F 40 -0.94 -4.36 5.64
N LEU F 41 -2.00 -4.75 4.94
CA LEU F 41 -2.10 -6.10 4.42
C LEU F 41 -1.12 -6.42 3.31
N LYS F 42 -0.75 -5.41 2.53
CA LYS F 42 0.19 -5.63 1.43
C LYS F 42 1.65 -5.73 1.90
N LEU F 43 1.97 -5.10 3.02
CA LEU F 43 3.33 -5.12 3.55
C LEU F 43 3.76 -6.48 4.08
N GLU F 44 2.79 -7.34 4.38
CA GLU F 44 3.08 -8.68 4.87
C GLU F 44 3.90 -9.49 3.87
N ARG F 45 3.36 -9.68 2.66
CA ARG F 45 4.05 -10.46 1.64
C ARG F 45 4.60 -9.62 0.49
N ALA F 46 4.96 -8.37 0.78
CA ALA F 46 5.49 -7.49 -0.24
C ALA F 46 6.99 -7.72 -0.41
N THR F 47 7.47 -7.55 -1.64
CA THR F 47 8.88 -7.71 -1.92
C THR F 47 9.62 -6.57 -1.22
N PRO F 48 10.92 -6.76 -0.93
CA PRO F 48 11.65 -5.68 -0.26
C PRO F 48 11.59 -4.37 -1.05
N ALA F 49 11.65 -4.48 -2.37
CA ALA F 49 11.58 -3.29 -3.22
C ALA F 49 10.25 -2.57 -2.98
N GLU F 50 9.15 -3.31 -2.96
CA GLU F 50 7.85 -2.70 -2.74
C GLU F 50 7.83 -2.04 -1.38
N ARG F 51 8.43 -2.72 -0.42
CA ARG F 51 8.51 -2.24 0.94
C ARG F 51 9.29 -0.93 1.00
N GLN F 52 10.45 -0.90 0.34
CA GLN F 52 11.30 0.29 0.32
C GLN F 52 10.55 1.48 -0.27
N LEU F 53 9.79 1.24 -1.34
CA LEU F 53 9.03 2.27 -2.01
C LEU F 53 8.02 2.90 -1.04
N VAL F 54 7.46 2.08 -0.16
CA VAL F 54 6.51 2.58 0.81
C VAL F 54 7.27 3.35 1.89
N PHE F 55 8.40 2.78 2.30
CA PHE F 55 9.22 3.38 3.33
C PHE F 55 9.68 4.79 2.99
N ASN F 56 10.11 4.99 1.75
CA ASN F 56 10.61 6.27 1.27
C ASN F 56 9.63 7.41 1.53
N GLU F 57 8.35 7.15 1.31
CA GLU F 57 7.30 8.14 1.50
C GLU F 57 6.78 8.37 2.92
N ILE F 58 7.12 7.50 3.88
CA ILE F 58 6.62 7.76 5.23
C ILE F 58 7.73 8.04 6.24
N LEU F 59 8.98 7.88 5.82
CA LEU F 59 10.10 8.11 6.74
C LEU F 59 10.12 9.50 7.37
N GLN F 60 10.11 10.54 6.54
CA GLN F 60 10.16 11.91 7.03
C GLN F 60 9.04 12.24 8.02
N ALA F 61 7.80 11.90 7.67
CA ALA F 61 6.67 12.19 8.56
C ALA F 61 6.24 10.96 9.38
N ALA F 62 7.18 10.07 9.66
CA ALA F 62 6.89 8.87 10.42
C ALA F 62 6.21 9.16 11.76
N TYR F 63 6.78 10.09 12.53
CA TYR F 63 6.25 10.48 13.83
C TYR F 63 4.77 10.89 13.70
N GLN F 64 4.49 11.67 12.67
CA GLN F 64 3.14 12.14 12.39
C GLN F 64 2.20 10.95 12.24
N LEU F 65 2.65 9.94 11.50
CA LEU F 65 1.84 8.75 11.28
C LEU F 65 1.71 7.92 12.54
N MET F 66 2.67 8.07 13.45
CA MET F 66 2.66 7.29 14.67
C MET F 66 1.52 7.67 15.61
N VAL F 67 1.09 8.92 15.57
CA VAL F 67 0.00 9.37 16.42
C VAL F 67 -1.26 9.60 15.61
N ASP F 68 -1.30 8.99 14.43
CA ASP F 68 -2.47 9.11 13.57
C ASP F 68 -3.33 7.87 13.76
N VAL F 69 -4.66 8.07 13.75
CA VAL F 69 -5.62 7.00 13.95
C VAL F 69 -5.46 5.80 13.01
N PHE F 70 -5.06 6.07 11.78
CA PHE F 70 -4.89 5.00 10.81
C PHE F 70 -3.43 4.74 10.44
N GLY F 71 -2.63 5.80 10.43
CA GLY F 71 -1.22 5.66 10.08
C GLY F 71 -0.41 4.82 11.03
N ASN F 72 -0.71 4.91 12.32
CA ASN F 72 0.01 4.15 13.35
C ASN F 72 0.16 2.67 12.97
N TYR F 73 -0.80 2.14 12.23
CA TYR F 73 -0.74 0.73 11.82
C TYR F 73 0.27 0.48 10.70
N VAL F 74 0.51 1.46 9.85
CA VAL F 74 1.47 1.29 8.78
C VAL F 74 2.84 1.21 9.43
N ILE F 75 3.07 2.10 10.39
CA ILE F 75 4.34 2.12 11.10
C ILE F 75 4.56 0.80 11.85
N GLN F 76 3.55 0.33 12.57
CA GLN F 76 3.67 -0.94 13.31
C GLN F 76 4.07 -2.08 12.39
N LYS F 77 3.52 -2.09 11.18
CA LYS F 77 3.83 -3.13 10.19
C LYS F 77 5.30 -3.14 9.78
N PHE F 78 5.95 -1.99 9.84
CA PHE F 78 7.36 -1.93 9.48
C PHE F 78 8.22 -2.52 10.59
N PHE F 79 7.76 -2.43 11.84
CA PHE F 79 8.55 -3.02 12.91
C PHE F 79 8.41 -4.54 12.83
N GLU F 80 7.21 -5.01 12.50
CA GLU F 80 6.93 -6.43 12.37
C GLU F 80 7.55 -7.09 11.14
N PHE F 81 7.46 -6.42 9.99
CA PHE F 81 7.99 -7.01 8.76
C PHE F 81 9.09 -6.19 8.08
N GLY F 82 9.52 -5.12 8.71
CA GLY F 82 10.56 -4.30 8.11
C GLY F 82 11.95 -4.89 8.21
N SER F 83 12.85 -4.38 7.39
CA SER F 83 14.24 -4.81 7.40
C SER F 83 14.86 -4.16 8.63
N LEU F 84 15.98 -4.71 9.12
CA LEU F 84 16.63 -4.13 10.28
C LEU F 84 16.94 -2.65 10.06
N GLU F 85 17.40 -2.31 8.86
CA GLU F 85 17.71 -0.90 8.56
C GLU F 85 16.46 -0.01 8.76
N GLN F 86 15.33 -0.43 8.22
CA GLN F 86 14.09 0.36 8.36
C GLN F 86 13.69 0.50 9.83
N LYS F 87 13.77 -0.59 10.59
CA LYS F 87 13.41 -0.54 12.01
C LYS F 87 14.32 0.44 12.74
N LEU F 88 15.60 0.43 12.37
CA LEU F 88 16.56 1.33 12.98
C LEU F 88 16.23 2.78 12.63
N ALA F 89 15.87 3.03 11.38
CA ALA F 89 15.53 4.39 10.94
C ALA F 89 14.33 4.92 11.73
N LEU F 90 13.33 4.07 11.91
CA LEU F 90 12.12 4.44 12.64
C LEU F 90 12.42 4.69 14.11
N ALA F 91 13.26 3.86 14.71
CA ALA F 91 13.61 4.04 16.11
C ALA F 91 14.28 5.40 16.28
N GLU F 92 14.95 5.85 15.23
CA GLU F 92 15.62 7.14 15.33
C GLU F 92 14.55 8.23 15.37
N ARG F 93 13.47 8.04 14.62
CA ARG F 93 12.39 9.01 14.59
C ARG F 93 11.67 9.05 15.93
N ILE F 94 11.56 7.90 16.59
CA ILE F 94 10.90 7.80 17.90
C ILE F 94 11.75 8.42 19.01
N ARG F 95 13.07 8.30 18.86
CA ARG F 95 14.02 8.83 19.83
C ARG F 95 13.65 10.24 20.27
N GLY F 96 13.58 10.46 21.58
CA GLY F 96 13.24 11.77 22.10
C GLY F 96 11.76 11.99 22.35
N HIS F 97 10.93 11.06 21.85
CA HIS F 97 9.49 11.14 22.02
C HIS F 97 8.86 9.92 22.70
N VAL F 98 9.68 9.03 23.22
CA VAL F 98 9.17 7.80 23.86
C VAL F 98 8.03 8.04 24.85
N LEU F 99 8.22 8.99 25.76
CA LEU F 99 7.20 9.30 26.74
C LEU F 99 5.91 9.78 26.10
N SER F 100 6.04 10.76 25.22
CA SER F 100 4.89 11.34 24.54
C SER F 100 4.06 10.32 23.76
N LEU F 101 4.74 9.40 23.08
CA LEU F 101 4.05 8.38 22.31
C LEU F 101 3.38 7.33 23.19
N ALA F 102 4.07 6.92 24.25
CA ALA F 102 3.54 5.91 25.16
C ALA F 102 2.24 6.36 25.81
N LEU F 103 2.08 7.67 26.01
CA LEU F 103 0.88 8.25 26.63
C LEU F 103 -0.17 8.61 25.59
N GLN F 104 0.11 8.30 24.32
CA GLN F 104 -0.80 8.62 23.24
C GLN F 104 -1.56 7.36 22.82
N MET F 105 -2.85 7.53 22.55
CA MET F 105 -3.71 6.41 22.16
C MET F 105 -3.11 5.52 21.08
N TYR F 106 -2.63 6.12 20.00
CA TYR F 106 -2.05 5.33 18.91
C TYR F 106 -0.55 5.16 19.06
N GLY F 107 0.14 6.21 19.49
CA GLY F 107 1.58 6.11 19.66
C GLY F 107 2.01 4.94 20.54
N CYS F 108 1.31 4.74 21.67
CA CYS F 108 1.64 3.66 22.59
C CYS F 108 1.65 2.30 21.89
N ARG F 109 0.81 2.15 20.88
CA ARG F 109 0.73 0.91 20.11
C ARG F 109 1.99 0.75 19.24
N VAL F 110 2.56 1.86 18.80
CA VAL F 110 3.76 1.81 17.98
C VAL F 110 4.95 1.47 18.86
N ILE F 111 5.01 2.07 20.03
CA ILE F 111 6.11 1.79 20.95
C ILE F 111 6.12 0.32 21.35
N GLN F 112 4.96 -0.24 21.66
CA GLN F 112 4.88 -1.64 22.06
C GLN F 112 5.43 -2.52 20.94
N LYS F 113 5.06 -2.20 19.70
CA LYS F 113 5.53 -2.98 18.57
C LYS F 113 7.05 -2.85 18.37
N ALA F 114 7.57 -1.65 18.53
CA ALA F 114 9.01 -1.44 18.36
C ALA F 114 9.80 -2.29 19.34
N LEU F 115 9.40 -2.23 20.62
CA LEU F 115 10.09 -2.99 21.67
C LEU F 115 10.10 -4.49 21.36
N GLU F 116 9.01 -4.99 20.81
CA GLU F 116 8.92 -6.41 20.49
C GLU F 116 9.80 -6.86 19.34
N PHE F 117 10.15 -5.95 18.43
CA PHE F 117 10.96 -6.35 17.28
C PHE F 117 12.31 -5.69 17.03
N ILE F 118 12.81 -4.87 17.95
CA ILE F 118 14.11 -4.24 17.73
C ILE F 118 15.18 -4.79 18.68
N PRO F 119 16.46 -4.69 18.29
CA PRO F 119 17.59 -5.16 19.09
C PRO F 119 17.55 -4.68 20.54
N SER F 120 18.26 -5.38 21.42
CA SER F 120 18.29 -5.02 22.83
C SER F 120 18.78 -3.58 23.07
N ASP F 121 19.91 -3.22 22.50
CA ASP F 121 20.46 -1.89 22.68
C ASP F 121 19.47 -0.79 22.29
N GLN F 122 18.68 -1.05 21.25
CA GLN F 122 17.70 -0.07 20.81
C GLN F 122 16.58 -0.02 21.86
N GLN F 123 16.22 -1.19 22.40
CA GLN F 123 15.18 -1.26 23.43
C GLN F 123 15.58 -0.42 24.65
N ASN F 124 16.81 -0.61 25.11
CA ASN F 124 17.32 0.11 26.27
C ASN F 124 17.36 1.62 26.02
N GLU F 125 17.70 2.01 24.79
CA GLU F 125 17.75 3.43 24.44
C GLU F 125 16.37 4.02 24.69
N MET F 126 15.37 3.30 24.19
CA MET F 126 13.98 3.71 24.31
C MET F 126 13.47 3.72 25.76
N VAL F 127 13.69 2.61 26.47
CA VAL F 127 13.24 2.49 27.85
C VAL F 127 13.78 3.58 28.78
N ARG F 128 15.08 3.86 28.65
CA ARG F 128 15.72 4.86 29.47
C ARG F 128 15.01 6.21 29.50
N GLU F 129 14.38 6.58 28.39
CA GLU F 129 13.66 7.86 28.31
C GLU F 129 12.46 7.92 29.25
N LEU F 130 12.02 6.76 29.71
CA LEU F 130 10.85 6.68 30.58
C LEU F 130 11.12 6.93 32.07
N ASP F 131 12.40 7.03 32.44
CA ASP F 131 12.76 7.27 33.85
C ASP F 131 12.19 8.60 34.35
N GLY F 132 11.59 8.58 35.53
CA GLY F 132 11.02 9.79 36.10
C GLY F 132 9.56 9.97 35.71
N HIS F 133 9.01 8.97 35.03
CA HIS F 133 7.63 9.00 34.58
C HIS F 133 6.99 7.63 34.76
N VAL F 134 7.72 6.72 35.41
CA VAL F 134 7.25 5.36 35.64
C VAL F 134 5.82 5.33 36.18
N LEU F 135 5.60 5.98 37.32
CA LEU F 135 4.28 6.00 37.92
C LEU F 135 3.25 6.63 36.99
N LYS F 136 3.61 7.75 36.36
CA LYS F 136 2.69 8.44 35.46
C LYS F 136 2.21 7.53 34.32
N CYS F 137 3.12 6.71 33.80
CA CYS F 137 2.78 5.80 32.71
C CYS F 137 1.92 4.66 33.23
N VAL F 138 2.36 4.05 34.33
CA VAL F 138 1.61 2.95 34.94
C VAL F 138 0.16 3.34 35.23
N LYS F 139 -0.07 4.60 35.58
CA LYS F 139 -1.42 5.06 35.87
C LYS F 139 -2.16 5.55 34.64
N ASP F 140 -1.48 5.61 33.49
CA ASP F 140 -2.13 6.05 32.26
C ASP F 140 -2.74 4.86 31.52
N GLN F 141 -3.89 5.07 30.90
CA GLN F 141 -4.59 4.02 30.17
C GLN F 141 -3.87 3.53 28.93
N ASN F 142 -3.00 4.37 28.37
CA ASN F 142 -2.24 3.97 27.19
C ASN F 142 -0.86 3.49 27.66
N GLY F 143 -0.19 4.35 28.41
CA GLY F 143 1.14 4.06 28.91
C GLY F 143 1.34 2.82 29.76
N ASN F 144 0.34 2.43 30.54
CA ASN F 144 0.48 1.25 31.39
C ASN F 144 0.78 0.05 30.51
N HIS F 145 0.24 0.07 29.29
CA HIS F 145 0.47 -1.03 28.36
C HIS F 145 1.89 -1.00 27.83
N VAL F 146 2.51 0.16 27.86
CA VAL F 146 3.89 0.29 27.40
C VAL F 146 4.81 -0.27 28.47
N VAL F 147 4.53 0.09 29.72
CA VAL F 147 5.31 -0.39 30.86
C VAL F 147 5.25 -1.92 30.91
N GLN F 148 4.08 -2.48 30.66
CA GLN F 148 3.92 -3.93 30.68
C GLN F 148 4.76 -4.56 29.59
N LYS F 149 4.77 -3.95 28.41
CA LYS F 149 5.53 -4.49 27.29
C LYS F 149 7.03 -4.48 27.61
N CYS F 150 7.51 -3.41 28.23
CA CYS F 150 8.92 -3.30 28.59
C CYS F 150 9.34 -4.44 29.50
N ILE F 151 8.46 -4.75 30.46
CA ILE F 151 8.73 -5.79 31.43
C ILE F 151 8.83 -7.18 30.80
N GLU F 152 8.11 -7.40 29.72
CA GLU F 152 8.15 -8.72 29.06
C GLU F 152 9.04 -8.78 27.83
N CYS F 153 9.70 -7.68 27.48
CA CYS F 153 10.56 -7.63 26.29
C CYS F 153 11.98 -7.12 26.56
N VAL F 154 12.10 -6.13 27.43
CA VAL F 154 13.38 -5.55 27.77
C VAL F 154 14.16 -6.48 28.69
N GLN F 155 15.47 -6.29 28.77
CA GLN F 155 16.31 -7.09 29.65
C GLN F 155 15.97 -6.64 31.07
N PRO F 156 15.70 -7.60 31.97
CA PRO F 156 15.34 -7.30 33.36
C PRO F 156 16.20 -6.24 34.03
N GLN F 157 17.52 -6.37 33.91
CA GLN F 157 18.42 -5.42 34.54
C GLN F 157 18.18 -3.96 34.13
N SER F 158 17.59 -3.77 32.96
CA SER F 158 17.31 -2.42 32.46
C SER F 158 16.04 -1.82 33.08
N LEU F 159 15.34 -2.61 33.88
CA LEU F 159 14.07 -2.18 34.48
C LEU F 159 14.18 -1.73 35.95
N GLN F 160 15.38 -1.80 36.52
CA GLN F 160 15.58 -1.42 37.91
C GLN F 160 14.98 -0.07 38.30
N PHE F 161 14.86 0.84 37.34
CA PHE F 161 14.31 2.15 37.65
C PHE F 161 12.81 2.05 37.90
N ILE F 162 12.19 1.00 37.35
CA ILE F 162 10.76 0.78 37.52
C ILE F 162 10.56 0.24 38.94
N ILE F 163 11.41 -0.71 39.32
CA ILE F 163 11.36 -1.31 40.64
C ILE F 163 11.49 -0.21 41.69
N ASP F 164 12.58 0.53 41.63
CA ASP F 164 12.86 1.61 42.56
C ASP F 164 11.73 2.65 42.59
N ALA F 165 10.96 2.73 41.52
CA ALA F 165 9.86 3.69 41.45
C ALA F 165 8.59 3.20 42.12
N PHE F 166 8.51 1.88 42.35
CA PHE F 166 7.34 1.30 42.99
C PHE F 166 7.37 1.33 44.51
N LYS F 167 8.49 1.76 45.08
CA LYS F 167 8.64 1.83 46.53
C LYS F 167 7.44 2.47 47.24
N GLY F 168 6.94 1.78 48.27
CA GLY F 168 5.81 2.28 49.03
C GLY F 168 4.54 2.49 48.21
N GLN F 169 4.56 2.04 46.96
CA GLN F 169 3.39 2.22 46.10
C GLN F 169 2.77 0.88 45.71
N VAL F 170 3.46 -0.21 46.04
CA VAL F 170 3.01 -1.56 45.72
C VAL F 170 1.58 -1.84 46.12
N PHE F 171 1.17 -1.34 47.27
CA PHE F 171 -0.21 -1.55 47.72
C PHE F 171 -1.17 -0.75 46.85
N ALA F 172 -0.91 0.55 46.71
CA ALA F 172 -1.75 1.44 45.92
C ALA F 172 -1.88 0.92 44.48
N LEU F 173 -0.76 0.49 43.91
CA LEU F 173 -0.76 -0.02 42.53
C LEU F 173 -1.52 -1.33 42.40
N SER F 174 -1.40 -2.20 43.40
CA SER F 174 -2.07 -3.50 43.39
C SER F 174 -3.60 -3.38 43.38
N THR F 175 -4.13 -2.29 43.90
CA THR F 175 -5.57 -2.08 43.91
C THR F 175 -5.97 -1.14 42.77
N HIS F 176 -5.04 -0.96 41.84
CA HIS F 176 -5.25 -0.11 40.68
C HIS F 176 -5.56 -1.00 39.48
N PRO F 177 -6.51 -0.60 38.62
CA PRO F 177 -6.86 -1.42 37.46
C PRO F 177 -5.74 -1.58 36.42
N TYR F 178 -4.74 -0.70 36.44
CA TYR F 178 -3.61 -0.79 35.49
C TYR F 178 -2.38 -1.30 36.24
N GLY F 179 -2.16 -0.73 37.42
CA GLY F 179 -1.01 -1.10 38.24
C GLY F 179 -0.96 -2.57 38.61
N CYS F 180 -2.10 -3.18 38.86
CA CYS F 180 -2.10 -4.59 39.25
C CYS F 180 -1.63 -5.39 38.03
N ARG F 181 -1.84 -4.84 36.85
CA ARG F 181 -1.42 -5.49 35.61
C ARG F 181 0.10 -5.47 35.59
N VAL F 182 0.67 -4.30 35.91
CA VAL F 182 2.11 -4.12 35.91
C VAL F 182 2.81 -4.94 37.00
N ILE F 183 2.24 -4.98 38.20
CA ILE F 183 2.88 -5.75 39.27
C ILE F 183 2.89 -7.25 38.94
N GLN F 184 1.86 -7.75 38.28
CA GLN F 184 1.84 -9.17 37.93
C GLN F 184 2.88 -9.48 36.84
N ARG F 185 3.12 -8.53 35.94
CA ARG F 185 4.11 -8.74 34.89
C ARG F 185 5.49 -8.80 35.55
N ILE F 186 5.73 -7.96 36.55
CA ILE F 186 7.01 -7.92 37.25
C ILE F 186 7.33 -9.21 38.00
N LEU F 187 6.33 -9.84 38.59
CA LEU F 187 6.55 -11.08 39.33
C LEU F 187 6.87 -12.21 38.37
N GLU F 188 6.46 -12.04 37.12
CA GLU F 188 6.68 -13.07 36.10
C GLU F 188 7.96 -12.85 35.29
N HIS F 189 8.43 -11.61 35.20
CA HIS F 189 9.61 -11.35 34.40
C HIS F 189 10.83 -10.77 35.11
N CYS F 190 10.63 -9.98 36.15
CA CYS F 190 11.77 -9.40 36.85
C CYS F 190 12.63 -10.42 37.59
N LEU F 191 13.79 -9.95 38.06
CA LEU F 191 14.73 -10.78 38.78
C LEU F 191 14.46 -10.72 40.29
N PRO F 192 14.78 -11.80 41.02
CA PRO F 192 14.58 -11.93 42.46
C PRO F 192 14.91 -10.69 43.29
N ASP F 193 16.05 -10.07 43.03
CA ASP F 193 16.45 -8.88 43.79
C ASP F 193 15.47 -7.76 43.50
N GLN F 194 14.73 -7.92 42.41
CA GLN F 194 13.75 -6.93 41.99
C GLN F 194 12.36 -7.25 42.54
N THR F 195 11.98 -8.53 42.51
CA THR F 195 10.68 -8.93 43.03
C THR F 195 10.65 -8.81 44.55
N LEU F 196 11.78 -9.18 45.17
CA LEU F 196 11.93 -9.14 46.63
C LEU F 196 11.27 -7.94 47.30
N PRO F 197 11.66 -6.71 46.90
CA PRO F 197 11.08 -5.49 47.50
C PRO F 197 9.57 -5.44 47.34
N ILE F 198 9.10 -5.86 46.17
CA ILE F 198 7.68 -5.86 45.86
C ILE F 198 6.93 -6.92 46.67
N LEU F 199 7.49 -8.12 46.73
CA LEU F 199 6.85 -9.19 47.49
C LEU F 199 6.75 -8.76 48.94
N GLU F 200 7.74 -8.02 49.41
CA GLU F 200 7.73 -7.55 50.79
C GLU F 200 6.55 -6.62 51.08
N GLU F 201 6.37 -5.62 50.23
CA GLU F 201 5.28 -4.68 50.42
C GLU F 201 3.92 -5.35 50.27
N LEU F 202 3.89 -6.47 49.56
CA LEU F 202 2.64 -7.20 49.36
C LEU F 202 2.20 -7.92 50.63
N HIS F 203 3.13 -8.56 51.31
CA HIS F 203 2.83 -9.28 52.54
C HIS F 203 2.39 -8.35 53.66
N GLN F 204 2.56 -7.05 53.46
CA GLN F 204 2.18 -6.06 54.46
C GLN F 204 0.72 -5.65 54.31
N HIS F 205 0.11 -6.02 53.19
CA HIS F 205 -1.28 -5.64 52.94
C HIS F 205 -2.15 -6.79 52.45
N THR F 206 -1.66 -8.01 52.59
CA THR F 206 -2.41 -9.19 52.14
C THR F 206 -3.89 -9.11 52.50
N GLU F 207 -4.17 -8.79 53.76
CA GLU F 207 -5.55 -8.69 54.26
C GLU F 207 -6.49 -7.90 53.37
N GLN F 208 -6.11 -6.66 53.03
CA GLN F 208 -6.95 -5.83 52.18
C GLN F 208 -6.93 -6.24 50.71
N LEU F 209 -5.76 -6.71 50.27
CA LEU F 209 -5.56 -7.14 48.89
C LEU F 209 -6.41 -8.33 48.45
N VAL F 210 -6.49 -9.35 49.28
CA VAL F 210 -7.26 -10.53 48.90
C VAL F 210 -8.73 -10.22 48.70
N GLN F 211 -9.19 -9.12 49.27
CA GLN F 211 -10.59 -8.71 49.16
C GLN F 211 -10.82 -7.60 48.10
N ASP F 212 -9.74 -7.01 47.61
CA ASP F 212 -9.86 -5.97 46.59
C ASP F 212 -10.17 -6.59 45.22
N GLN F 213 -10.95 -5.86 44.43
CA GLN F 213 -11.32 -6.32 43.10
C GLN F 213 -10.12 -6.55 42.19
N TYR F 214 -9.03 -5.83 42.42
CA TYR F 214 -7.83 -6.00 41.61
C TYR F 214 -6.77 -6.71 42.42
N GLY F 215 -6.73 -6.40 43.70
CA GLY F 215 -5.75 -7.01 44.59
C GLY F 215 -5.81 -8.52 44.62
N ASN F 216 -7.00 -9.11 44.54
CA ASN F 216 -7.11 -10.57 44.61
C ASN F 216 -6.31 -11.23 43.51
N TYR F 217 -6.19 -10.55 42.38
CA TYR F 217 -5.44 -11.07 41.24
C TYR F 217 -3.95 -11.08 41.51
N VAL F 218 -3.43 -10.02 42.14
CA VAL F 218 -2.02 -9.95 42.45
C VAL F 218 -1.64 -11.01 43.48
N ILE F 219 -2.50 -11.22 44.47
CA ILE F 219 -2.24 -12.22 45.47
C ILE F 219 -2.35 -13.61 44.85
N GLN F 220 -3.35 -13.82 44.00
CA GLN F 220 -3.53 -15.12 43.36
C GLN F 220 -2.28 -15.48 42.56
N HIS F 221 -1.67 -14.45 41.96
CA HIS F 221 -0.49 -14.64 41.15
C HIS F 221 0.64 -15.19 42.02
N VAL F 222 0.89 -14.54 43.16
CA VAL F 222 1.93 -15.00 44.07
C VAL F 222 1.70 -16.44 44.52
N LEU F 223 0.45 -16.86 44.51
CA LEU F 223 0.12 -18.23 44.92
C LEU F 223 0.38 -19.26 43.82
N GLU F 224 0.22 -18.85 42.57
CA GLU F 224 0.44 -19.77 41.46
C GLU F 224 1.84 -19.74 40.88
N HIS F 225 2.65 -18.75 41.24
CA HIS F 225 4.00 -18.63 40.70
C HIS F 225 5.07 -18.17 41.69
N GLY F 226 4.65 -17.59 42.81
CA GLY F 226 5.60 -17.08 43.79
C GLY F 226 6.46 -18.07 44.56
N ARG F 227 7.05 -17.59 45.65
CA ARG F 227 7.91 -18.39 46.52
C ARG F 227 7.11 -19.07 47.64
N PRO F 228 7.38 -20.37 47.90
CA PRO F 228 6.67 -21.11 48.94
C PRO F 228 6.58 -20.29 50.23
N GLU F 229 7.65 -19.56 50.53
CA GLU F 229 7.72 -18.72 51.72
C GLU F 229 6.74 -17.55 51.65
N ASP F 230 6.54 -17.04 50.44
CA ASP F 230 5.59 -15.94 50.22
C ASP F 230 4.16 -16.48 50.29
N LYS F 231 3.98 -17.69 49.77
CA LYS F 231 2.69 -18.35 49.76
C LYS F 231 2.16 -18.59 51.18
N SER F 232 3.02 -19.11 52.05
CA SER F 232 2.65 -19.39 53.44
C SER F 232 2.22 -18.14 54.21
N LYS F 233 2.82 -17.00 53.89
CA LYS F 233 2.44 -15.76 54.57
C LYS F 233 1.00 -15.42 54.18
N ILE F 234 0.67 -15.65 52.92
CA ILE F 234 -0.67 -15.40 52.39
C ILE F 234 -1.65 -16.38 53.03
N VAL F 235 -1.26 -17.65 53.04
CA VAL F 235 -2.10 -18.69 53.63
C VAL F 235 -2.34 -18.40 55.12
N ALA F 236 -1.31 -17.92 55.79
CA ALA F 236 -1.44 -17.61 57.22
C ALA F 236 -2.52 -16.56 57.45
N GLU F 237 -2.67 -15.64 56.49
CA GLU F 237 -3.67 -14.59 56.59
C GLU F 237 -5.07 -15.16 56.37
N ILE F 238 -5.14 -16.20 55.55
CA ILE F 238 -6.37 -16.89 55.20
C ILE F 238 -6.91 -17.68 56.38
N ARG F 239 -6.04 -18.42 57.05
CA ARG F 239 -6.46 -19.24 58.18
C ARG F 239 -7.31 -18.51 59.20
N GLY F 240 -8.33 -19.20 59.70
CA GLY F 240 -9.22 -18.60 60.67
C GLY F 240 -10.32 -17.81 59.97
N ASN F 241 -10.10 -17.50 58.70
CA ASN F 241 -11.08 -16.73 57.94
C ASN F 241 -11.54 -17.45 56.68
N VAL F 242 -11.31 -18.75 56.61
CA VAL F 242 -11.70 -19.49 55.42
C VAL F 242 -13.19 -19.40 55.09
N LEU F 243 -14.05 -19.69 56.07
CA LEU F 243 -15.48 -19.64 55.83
C LEU F 243 -15.95 -18.27 55.31
N VAL F 244 -15.50 -17.19 55.93
CA VAL F 244 -15.93 -15.86 55.50
C VAL F 244 -15.35 -15.43 54.16
N LEU F 245 -14.06 -15.70 53.95
CA LEU F 245 -13.43 -15.31 52.69
C LEU F 245 -13.96 -16.19 51.54
N SER F 246 -14.38 -17.41 51.88
CA SER F 246 -14.91 -18.34 50.88
C SER F 246 -16.21 -17.81 50.29
N GLN F 247 -16.96 -17.06 51.09
CA GLN F 247 -18.23 -16.50 50.64
C GLN F 247 -18.04 -15.14 49.97
N HIS F 248 -16.82 -14.62 50.01
CA HIS F 248 -16.54 -13.32 49.39
C HIS F 248 -16.31 -13.46 47.89
N LYS F 249 -16.93 -12.58 47.12
CA LYS F 249 -16.81 -12.59 45.66
C LYS F 249 -15.37 -12.64 45.13
N PHE F 250 -14.52 -11.73 45.62
CA PHE F 250 -13.15 -11.68 45.17
C PHE F 250 -12.18 -12.57 45.94
N ALA F 251 -12.36 -12.67 47.24
CA ALA F 251 -11.47 -13.45 48.09
C ALA F 251 -11.61 -14.96 47.95
N SER F 252 -12.76 -15.42 47.49
CA SER F 252 -12.99 -16.85 47.34
C SER F 252 -11.98 -17.45 46.38
N ASN F 253 -11.63 -16.69 45.34
CA ASN F 253 -10.64 -17.13 44.36
C ASN F 253 -9.29 -17.33 45.05
N VAL F 254 -8.93 -16.38 45.93
CA VAL F 254 -7.68 -16.49 46.66
C VAL F 254 -7.72 -17.71 47.57
N VAL F 255 -8.84 -17.92 48.25
CA VAL F 255 -8.96 -19.08 49.14
C VAL F 255 -8.69 -20.35 48.33
N GLU F 256 -9.31 -20.42 47.16
CA GLU F 256 -9.16 -21.54 46.24
C GLU F 256 -7.67 -21.80 45.94
N LYS F 257 -6.96 -20.76 45.54
CA LYS F 257 -5.54 -20.88 45.23
C LYS F 257 -4.76 -21.27 46.48
N CYS F 258 -5.22 -20.82 47.65
CA CYS F 258 -4.55 -21.20 48.90
C CYS F 258 -4.72 -22.68 49.10
N VAL F 259 -5.89 -23.19 48.76
CA VAL F 259 -6.16 -24.61 48.93
C VAL F 259 -5.29 -25.42 47.99
N THR F 260 -5.17 -24.96 46.75
CA THR F 260 -4.39 -25.67 45.75
C THR F 260 -2.86 -25.55 45.91
N HIS F 261 -2.37 -24.35 46.15
CA HIS F 261 -0.92 -24.14 46.26
C HIS F 261 -0.30 -24.23 47.65
N ALA F 262 -1.09 -24.57 48.67
CA ALA F 262 -0.55 -24.66 50.02
C ALA F 262 0.25 -25.94 50.26
N SER F 263 1.03 -25.93 51.34
CA SER F 263 1.84 -27.08 51.71
C SER F 263 0.90 -28.19 52.17
N ARG F 264 1.45 -29.38 52.36
CA ARG F 264 0.68 -30.52 52.84
C ARG F 264 0.03 -30.17 54.19
N THR F 265 0.84 -29.62 55.10
CA THR F 265 0.37 -29.23 56.43
C THR F 265 -0.71 -28.14 56.36
N GLU F 266 -0.41 -27.09 55.58
CA GLU F 266 -1.35 -25.99 55.41
C GLU F 266 -2.66 -26.48 54.81
N ARG F 267 -2.57 -27.35 53.81
CA ARG F 267 -3.73 -27.91 53.14
C ARG F 267 -4.63 -28.58 54.16
N ALA F 268 -4.05 -29.48 54.94
CA ALA F 268 -4.76 -30.21 55.98
C ALA F 268 -5.39 -29.28 57.01
N VAL F 269 -4.70 -28.21 57.35
CA VAL F 269 -5.21 -27.25 58.33
C VAL F 269 -6.38 -26.43 57.81
N LEU F 270 -6.30 -26.02 56.54
CA LEU F 270 -7.37 -25.24 55.91
C LEU F 270 -8.67 -26.02 55.80
N ILE F 271 -8.56 -27.28 55.40
CA ILE F 271 -9.72 -28.13 55.24
C ILE F 271 -10.31 -28.48 56.61
N ASP F 272 -9.45 -28.76 57.58
CA ASP F 272 -9.89 -29.09 58.94
C ASP F 272 -10.65 -27.93 59.57
N GLU F 273 -10.17 -26.71 59.34
CA GLU F 273 -10.82 -25.54 59.90
C GLU F 273 -12.30 -25.52 59.51
N VAL F 274 -12.58 -25.90 58.27
CA VAL F 274 -13.94 -25.90 57.77
C VAL F 274 -14.78 -27.11 58.20
N CYS F 275 -14.13 -28.23 58.46
CA CYS F 275 -14.86 -29.43 58.87
C CYS F 275 -15.21 -29.44 60.35
N THR F 276 -14.32 -28.90 61.17
CA THR F 276 -14.51 -28.88 62.62
C THR F 276 -15.11 -27.58 63.14
N MET F 277 -15.09 -26.55 62.33
CA MET F 277 -15.65 -25.28 62.76
C MET F 277 -17.12 -25.25 62.41
N ASN F 278 -17.96 -24.99 63.42
CA ASN F 278 -19.40 -24.92 63.19
C ASN F 278 -19.82 -23.47 62.96
N ASP F 279 -20.75 -23.27 62.04
CA ASP F 279 -21.23 -21.94 61.72
C ASP F 279 -22.67 -21.82 62.22
N GLY F 280 -22.83 -21.63 63.52
CA GLY F 280 -24.16 -21.55 64.09
C GLY F 280 -24.68 -22.94 64.35
N PRO F 281 -25.91 -23.27 63.89
CA PRO F 281 -26.52 -24.59 64.08
C PRO F 281 -26.13 -25.64 63.05
N HIS F 282 -25.07 -25.38 62.31
CA HIS F 282 -24.60 -26.32 61.29
C HIS F 282 -23.08 -26.25 61.19
N SER F 283 -22.50 -27.07 60.33
CA SER F 283 -21.06 -27.06 60.13
C SER F 283 -20.68 -25.96 59.12
N ALA F 284 -19.45 -25.49 59.20
CA ALA F 284 -18.99 -24.45 58.28
C ALA F 284 -19.14 -24.95 56.83
N LEU F 285 -18.91 -26.25 56.62
CA LEU F 285 -19.03 -26.84 55.30
C LEU F 285 -20.45 -26.79 54.76
N TYR F 286 -21.43 -26.97 55.63
CA TYR F 286 -22.83 -26.93 55.19
C TYR F 286 -23.12 -25.59 54.52
N THR F 287 -22.72 -24.52 55.20
CA THR F 287 -22.91 -23.16 54.71
C THR F 287 -22.16 -22.92 53.40
N MET F 288 -20.94 -23.45 53.31
CA MET F 288 -20.10 -23.29 52.12
C MET F 288 -20.62 -23.97 50.87
N MET F 289 -21.06 -25.22 51.00
CA MET F 289 -21.55 -25.97 49.85
C MET F 289 -22.77 -25.34 49.16
N LYS F 290 -23.53 -24.51 49.88
CA LYS F 290 -24.69 -23.88 49.28
C LYS F 290 -24.49 -22.39 48.99
N ASP F 291 -23.24 -21.94 48.94
CA ASP F 291 -22.92 -20.55 48.65
C ASP F 291 -22.54 -20.37 47.19
N GLN F 292 -22.87 -19.20 46.63
CA GLN F 292 -22.55 -18.92 45.23
C GLN F 292 -21.06 -18.87 44.94
N TYR F 293 -20.26 -18.69 45.99
CA TYR F 293 -18.80 -18.61 45.81
C TYR F 293 -18.07 -19.71 46.56
N ALA F 294 -18.52 -19.97 47.78
CA ALA F 294 -17.90 -20.96 48.64
C ALA F 294 -17.96 -22.41 48.13
N ASN F 295 -18.89 -22.69 47.22
CA ASN F 295 -19.01 -24.04 46.70
C ASN F 295 -17.79 -24.40 45.85
N TYR F 296 -17.17 -23.40 45.23
CA TYR F 296 -15.98 -23.66 44.42
C TYR F 296 -14.80 -23.99 45.33
N VAL F 297 -14.82 -23.42 46.53
CA VAL F 297 -13.76 -23.68 47.49
C VAL F 297 -13.90 -25.12 47.97
N VAL F 298 -15.12 -25.52 48.28
CA VAL F 298 -15.38 -26.87 48.74
C VAL F 298 -14.93 -27.90 47.70
N GLN F 299 -15.16 -27.59 46.43
CA GLN F 299 -14.80 -28.50 45.36
C GLN F 299 -13.29 -28.64 45.26
N LYS F 300 -12.59 -27.53 45.45
CA LYS F 300 -11.14 -27.55 45.39
C LYS F 300 -10.61 -28.38 46.57
N MET F 301 -11.23 -28.23 47.74
CA MET F 301 -10.81 -28.97 48.93
C MET F 301 -10.93 -30.47 48.75
N ILE F 302 -11.99 -30.90 48.07
CA ILE F 302 -12.20 -32.31 47.84
C ILE F 302 -11.09 -32.83 46.92
N ASP F 303 -10.81 -32.08 45.86
CA ASP F 303 -9.78 -32.48 44.92
C ASP F 303 -8.38 -32.66 45.52
N VAL F 304 -7.91 -31.70 46.31
CA VAL F 304 -6.57 -31.80 46.89
C VAL F 304 -6.46 -32.59 48.19
N ALA F 305 -7.59 -32.79 48.88
CA ALA F 305 -7.57 -33.49 50.15
C ALA F 305 -6.99 -34.90 50.03
N GLU F 306 -6.13 -35.24 50.97
CA GLU F 306 -5.53 -36.57 51.00
C GLU F 306 -6.67 -37.53 51.34
N PRO F 307 -6.51 -38.81 51.01
CA PRO F 307 -7.53 -39.85 51.27
C PRO F 307 -8.24 -39.75 52.61
N GLY F 308 -7.47 -39.78 53.70
CA GLY F 308 -8.07 -39.70 55.03
C GLY F 308 -8.99 -38.50 55.24
N GLN F 309 -8.47 -37.30 55.00
CA GLN F 309 -9.23 -36.07 55.18
C GLN F 309 -10.41 -36.02 54.20
N ARG F 310 -10.17 -36.51 52.98
CA ARG F 310 -11.21 -36.53 51.97
C ARG F 310 -12.44 -37.27 52.46
N LYS F 311 -12.23 -38.34 53.21
CA LYS F 311 -13.33 -39.15 53.74
C LYS F 311 -14.16 -38.36 54.74
N ILE F 312 -13.48 -37.67 55.65
CA ILE F 312 -14.15 -36.88 56.67
C ILE F 312 -15.03 -35.80 56.05
N VAL F 313 -14.54 -35.16 54.98
CA VAL F 313 -15.30 -34.11 54.32
C VAL F 313 -16.57 -34.71 53.73
N MET F 314 -16.43 -35.85 53.06
CA MET F 314 -17.57 -36.52 52.45
C MET F 314 -18.54 -36.91 53.55
N HIS F 315 -18.00 -37.33 54.70
CA HIS F 315 -18.78 -37.74 55.85
C HIS F 315 -19.54 -36.56 56.46
N LYS F 316 -18.96 -35.37 56.36
CA LYS F 316 -19.55 -34.16 56.92
C LYS F 316 -20.60 -33.54 55.99
N ILE F 317 -20.62 -34.00 54.74
CA ILE F 317 -21.58 -33.47 53.77
C ILE F 317 -22.63 -34.50 53.38
N ARG F 318 -22.32 -35.78 53.57
CA ARG F 318 -23.24 -36.85 53.21
C ARG F 318 -24.60 -36.77 53.93
N PRO F 319 -24.62 -36.36 55.20
CA PRO F 319 -25.91 -36.29 55.90
C PRO F 319 -26.75 -35.06 55.52
N HIS F 320 -26.10 -34.08 54.90
CA HIS F 320 -26.79 -32.85 54.51
C HIS F 320 -27.15 -32.83 53.02
N ILE F 321 -27.06 -33.97 52.36
CA ILE F 321 -27.38 -34.05 50.93
C ILE F 321 -28.84 -33.67 50.71
N ALA F 322 -29.56 -33.45 51.81
CA ALA F 322 -30.96 -33.07 51.78
C ALA F 322 -31.14 -31.66 51.21
N THR F 323 -30.96 -30.66 52.07
CA THR F 323 -31.08 -29.27 51.67
C THR F 323 -30.18 -28.94 50.49
N LEU F 324 -29.16 -29.76 50.29
CA LEU F 324 -28.19 -29.57 49.21
C LEU F 324 -28.85 -29.44 47.85
N ARG F 325 -29.54 -30.49 47.42
CA ARG F 325 -30.22 -30.53 46.13
C ARG F 325 -30.98 -29.25 45.77
N LYS F 326 -31.56 -28.62 46.79
CA LYS F 326 -32.33 -27.39 46.61
C LYS F 326 -31.61 -26.28 45.84
N TYR F 327 -30.33 -26.08 46.13
CA TYR F 327 -29.55 -25.03 45.48
C TYR F 327 -28.74 -25.53 44.28
N THR F 328 -28.69 -24.73 43.22
CA THR F 328 -27.94 -25.10 42.02
C THR F 328 -26.47 -24.85 42.28
N TYR F 329 -26.17 -24.31 43.46
CA TYR F 329 -24.80 -24.02 43.85
C TYR F 329 -24.19 -25.33 44.35
N GLY F 330 -24.91 -26.02 45.22
CA GLY F 330 -24.44 -27.29 45.75
C GLY F 330 -24.70 -28.40 44.74
N LYS F 331 -24.96 -27.99 43.49
CA LYS F 331 -25.23 -28.92 42.40
C LYS F 331 -23.94 -29.57 41.89
N HIS F 332 -22.99 -28.73 41.52
CA HIS F 332 -21.72 -29.22 41.00
C HIS F 332 -20.97 -30.02 42.05
N ILE F 333 -21.38 -29.85 43.31
CA ILE F 333 -20.77 -30.56 44.42
C ILE F 333 -21.36 -31.97 44.45
N LEU F 334 -22.63 -32.06 44.08
CA LEU F 334 -23.35 -33.33 44.05
C LEU F 334 -22.66 -34.31 43.10
N ALA F 335 -22.44 -33.89 41.87
CA ALA F 335 -21.77 -34.74 40.89
C ALA F 335 -20.37 -35.07 41.40
N LYS F 336 -19.75 -34.08 42.03
CA LYS F 336 -18.41 -34.20 42.60
C LYS F 336 -18.46 -35.18 43.77
N LEU F 337 -19.66 -35.37 44.30
CA LEU F 337 -19.89 -36.26 45.44
C LEU F 337 -20.15 -37.70 45.03
N GLU F 338 -20.97 -37.88 43.99
CA GLU F 338 -21.32 -39.22 43.54
C GLU F 338 -20.23 -39.94 42.75
N LYS F 339 -18.99 -39.49 42.92
CA LYS F 339 -17.85 -40.12 42.26
C LYS F 339 -17.02 -40.80 43.34
N TYR F 340 -17.23 -40.37 44.57
CA TYR F 340 -16.54 -40.94 45.73
C TYR F 340 -17.36 -42.11 46.24
N TYR F 341 -18.68 -42.01 46.11
CA TYR F 341 -19.59 -43.08 46.55
C TYR F 341 -20.08 -43.89 45.36
#